data_2O13
#
_entry.id   2O13
#
_cell.length_a   1.000
_cell.length_b   1.000
_cell.length_c   1.000
_cell.angle_alpha   90.00
_cell.angle_beta   90.00
_cell.angle_gamma   90.00
#
_symmetry.space_group_name_H-M   'P 1'
#
loop_
_entity.id
_entity.type
_entity.pdbx_description
1 polymer 'Muscle LIM protein'
2 non-polymer 'ZINC ION'
#
_entity_poly.entity_id   1
_entity_poly.type   'polypeptide(L)'
_entity_poly.pdbx_seq_one_letter_code
;KCPRCGKSVYAAEKVMGGGKPWHKTCFRCAICGKSLESTNVTDKDGELYCKVCYAKNF
;
_entity_poly.pdbx_strand_id   A
#
loop_
_chem_comp.id
_chem_comp.type
_chem_comp.name
_chem_comp.formula
ZN non-polymer 'ZINC ION' 'Zn 2'
#
# COMPACT_ATOMS: atom_id res chain seq x y z
N LYS A 1 5.27 -3.85 9.72
CA LYS A 1 4.50 -2.74 10.24
C LYS A 1 4.02 -1.84 9.12
N CYS A 2 2.86 -1.22 9.30
CA CYS A 2 2.39 -0.17 8.41
C CYS A 2 3.19 1.10 8.70
N PRO A 3 4.10 1.48 7.80
CA PRO A 3 4.99 2.62 8.02
C PRO A 3 4.27 3.95 7.97
N ARG A 4 3.01 3.92 7.55
CA ARG A 4 2.22 5.13 7.43
C ARG A 4 1.62 5.48 8.80
N CYS A 5 1.18 4.45 9.50
CA CYS A 5 0.59 4.63 10.82
C CYS A 5 1.59 4.35 11.92
N GLY A 6 2.60 3.57 11.58
CA GLY A 6 3.58 3.12 12.56
C GLY A 6 3.02 1.99 13.41
N LYS A 7 2.15 1.20 12.81
CA LYS A 7 1.45 0.14 13.53
C LYS A 7 1.72 -1.21 12.90
N SER A 8 2.14 -2.16 13.73
CA SER A 8 2.46 -3.50 13.27
C SER A 8 1.23 -4.22 12.69
N VAL A 9 1.42 -4.91 11.58
CA VAL A 9 0.34 -5.64 10.93
C VAL A 9 0.75 -7.10 10.77
N TYR A 10 -0.21 -8.01 10.91
CA TYR A 10 0.08 -9.43 10.72
C TYR A 10 -0.92 -10.06 9.75
N ALA A 11 -0.88 -11.40 9.66
CA ALA A 11 -1.57 -12.16 8.61
C ALA A 11 -3.00 -11.73 8.35
N ALA A 12 -3.73 -11.34 9.39
CA ALA A 12 -5.14 -10.95 9.25
C ALA A 12 -5.33 -9.86 8.20
N GLU A 13 -4.53 -8.80 8.30
CA GLU A 13 -4.60 -7.69 7.35
C GLU A 13 -3.32 -7.60 6.54
N LYS A 14 -2.56 -8.68 6.55
CA LYS A 14 -1.24 -8.71 5.94
C LYS A 14 -1.31 -8.61 4.40
N VAL A 15 -1.26 -7.39 3.93
CA VAL A 15 -1.06 -7.10 2.51
C VAL A 15 0.34 -6.53 2.33
N MET A 16 1.19 -7.28 1.65
CA MET A 16 2.60 -7.00 1.66
C MET A 16 3.00 -5.97 0.61
N GLY A 17 3.15 -4.73 1.06
CA GLY A 17 3.78 -3.72 0.23
C GLY A 17 5.20 -3.49 0.68
N GLY A 18 6.15 -3.59 -0.25
CA GLY A 18 7.54 -3.41 0.11
C GLY A 18 8.05 -4.52 1.02
N GLY A 19 7.45 -5.69 0.89
CA GLY A 19 7.90 -6.85 1.64
C GLY A 19 7.35 -6.90 3.05
N LYS A 20 6.43 -6.00 3.39
CA LYS A 20 5.87 -5.96 4.73
C LYS A 20 4.37 -5.75 4.68
N PRO A 21 3.62 -6.39 5.59
CA PRO A 21 2.18 -6.22 5.72
C PRO A 21 1.78 -4.80 6.13
N TRP A 22 0.99 -4.17 5.28
CA TRP A 22 0.40 -2.89 5.59
C TRP A 22 -1.04 -3.11 6.01
N HIS A 23 -1.68 -2.07 6.53
CA HIS A 23 -3.12 -2.11 6.72
C HIS A 23 -3.76 -2.13 5.34
N LYS A 24 -4.77 -2.97 5.11
CA LYS A 24 -5.44 -2.98 3.82
C LYS A 24 -5.98 -1.59 3.47
N THR A 25 -6.28 -0.81 4.49
CA THR A 25 -6.73 0.56 4.32
C THR A 25 -5.60 1.44 3.77
N CYS A 26 -4.38 1.13 4.18
CA CYS A 26 -3.21 1.92 3.82
C CYS A 26 -2.45 1.27 2.68
N PHE A 27 -2.86 0.05 2.35
CA PHE A 27 -2.45 -0.58 1.11
C PHE A 27 -3.14 0.17 -0.01
N ARG A 28 -2.64 1.36 -0.25
CA ARG A 28 -3.31 2.36 -1.04
C ARG A 28 -2.27 3.27 -1.63
N CYS A 29 -2.70 4.24 -2.40
CA CYS A 29 -1.84 5.36 -2.63
C CYS A 29 -2.51 6.60 -2.07
N ALA A 30 -1.68 7.38 -1.41
CA ALA A 30 -2.09 8.60 -0.74
C ALA A 30 -2.35 9.73 -1.74
N ILE A 31 -2.16 9.46 -3.02
CA ILE A 31 -2.42 10.45 -4.05
C ILE A 31 -3.91 10.64 -4.24
N CYS A 32 -4.63 9.53 -4.33
CA CYS A 32 -6.05 9.57 -4.61
C CYS A 32 -6.83 9.28 -3.35
N GLY A 33 -6.22 8.49 -2.47
CA GLY A 33 -6.88 8.04 -1.28
C GLY A 33 -7.57 6.72 -1.51
N LYS A 34 -7.03 5.92 -2.43
CA LYS A 34 -7.70 4.70 -2.84
C LYS A 34 -7.00 3.46 -2.29
N SER A 35 -7.76 2.64 -1.59
CA SER A 35 -7.25 1.39 -1.06
C SER A 35 -7.24 0.32 -2.14
N LEU A 36 -6.25 -0.55 -2.09
CA LEU A 36 -6.02 -1.54 -3.13
C LEU A 36 -6.40 -2.94 -2.63
N GLU A 37 -7.18 -3.64 -3.45
CA GLU A 37 -7.69 -4.96 -3.09
C GLU A 37 -6.62 -6.05 -3.20
N SER A 38 -5.81 -6.18 -2.14
CA SER A 38 -4.84 -7.28 -1.99
C SER A 38 -3.65 -7.12 -2.93
N THR A 39 -3.93 -6.89 -4.21
CA THR A 39 -2.91 -6.67 -5.21
C THR A 39 -3.01 -5.21 -5.69
N ASN A 40 -2.66 -4.95 -6.96
CA ASN A 40 -2.67 -3.59 -7.51
C ASN A 40 -1.59 -2.75 -6.86
N VAL A 41 -0.59 -3.42 -6.31
CA VAL A 41 0.44 -2.78 -5.52
C VAL A 41 1.67 -2.43 -6.37
N THR A 42 2.12 -1.19 -6.25
CA THR A 42 3.37 -0.79 -6.82
C THR A 42 4.13 0.12 -5.86
N ASP A 43 5.32 -0.31 -5.46
CA ASP A 43 6.13 0.47 -4.52
C ASP A 43 7.01 1.47 -5.24
N LYS A 44 7.08 2.68 -4.69
CA LYS A 44 7.97 3.70 -5.20
C LYS A 44 8.61 4.44 -4.04
N ASP A 45 9.83 4.03 -3.71
CA ASP A 45 10.62 4.66 -2.65
C ASP A 45 9.98 4.50 -1.27
N GLY A 46 9.38 3.35 -1.03
CA GLY A 46 8.82 3.06 0.28
C GLY A 46 7.38 3.52 0.41
N GLU A 47 6.87 4.18 -0.61
CA GLU A 47 5.50 4.64 -0.59
C GLU A 47 4.67 3.83 -1.58
N LEU A 48 3.50 3.42 -1.15
CA LEU A 48 2.63 2.55 -1.95
C LEU A 48 1.81 3.40 -2.92
N TYR A 49 1.71 2.93 -4.16
CA TYR A 49 0.90 3.60 -5.18
C TYR A 49 0.04 2.59 -5.93
N CYS A 50 -1.18 3.00 -6.23
CA CYS A 50 -2.08 2.21 -7.05
C CYS A 50 -1.49 2.00 -8.44
N LYS A 51 -1.72 0.83 -9.01
CA LYS A 51 -1.30 0.55 -10.38
C LYS A 51 -1.96 1.52 -11.35
N VAL A 52 -3.12 2.04 -10.96
CA VAL A 52 -3.85 3.00 -11.77
C VAL A 52 -3.17 4.36 -11.72
N CYS A 53 -2.87 4.82 -10.51
CA CYS A 53 -2.21 6.09 -10.30
C CYS A 53 -0.77 6.04 -10.78
N TYR A 54 -0.16 4.86 -10.72
CA TYR A 54 1.16 4.63 -11.25
C TYR A 54 1.17 4.92 -12.75
N ALA A 55 0.20 4.36 -13.46
CA ALA A 55 0.08 4.55 -14.89
C ALA A 55 -0.23 6.00 -15.24
N LYS A 56 -0.82 6.72 -14.30
CA LYS A 56 -1.14 8.13 -14.48
C LYS A 56 0.09 9.00 -14.23
N ASN A 57 0.78 8.73 -13.13
CA ASN A 57 1.91 9.56 -12.70
C ASN A 57 3.19 9.24 -13.47
N PHE A 58 3.45 7.95 -13.69
CA PHE A 58 4.67 7.53 -14.37
C PHE A 58 4.41 7.20 -15.83
ZN ZN B . -4.10 5.99 -5.99
ZN ZN C . -1.97 1.96 8.36
N LYS A 1 5.73 -4.94 9.74
CA LYS A 1 5.20 -3.73 10.35
C LYS A 1 4.82 -2.71 9.28
N CYS A 2 3.74 -1.97 9.52
CA CYS A 2 3.32 -0.89 8.66
C CYS A 2 4.10 0.38 9.00
N PRO A 3 4.96 0.84 8.08
CA PRO A 3 5.74 2.07 8.25
C PRO A 3 4.88 3.32 8.04
N ARG A 4 3.64 3.11 7.62
CA ARG A 4 2.74 4.21 7.35
C ARG A 4 2.16 4.75 8.67
N CYS A 5 1.75 3.82 9.52
CA CYS A 5 1.17 4.18 10.80
C CYS A 5 2.13 3.87 11.95
N GLY A 6 3.18 3.13 11.65
CA GLY A 6 4.13 2.72 12.66
C GLY A 6 3.56 1.60 13.51
N LYS A 7 2.68 0.80 12.92
CA LYS A 7 1.96 -0.23 13.64
C LYS A 7 2.24 -1.60 13.04
N SER A 8 2.56 -2.55 13.90
CA SER A 8 2.85 -3.92 13.48
C SER A 8 1.59 -4.59 12.92
N VAL A 9 1.76 -5.43 11.91
CA VAL A 9 0.64 -6.09 11.24
C VAL A 9 0.84 -7.60 11.19
N TYR A 10 -0.26 -8.35 11.21
CA TYR A 10 -0.18 -9.78 11.01
C TYR A 10 -1.24 -10.22 9.98
N ALA A 11 -1.42 -11.54 9.82
CA ALA A 11 -2.26 -12.10 8.77
C ALA A 11 -3.68 -11.49 8.74
N ALA A 12 -4.21 -11.19 9.92
CA ALA A 12 -5.58 -10.67 10.05
C ALA A 12 -5.81 -9.43 9.20
N GLU A 13 -4.79 -8.58 9.07
CA GLU A 13 -4.93 -7.34 8.32
C GLU A 13 -3.91 -7.29 7.19
N LYS A 14 -3.19 -8.39 7.01
CA LYS A 14 -2.06 -8.44 6.08
C LYS A 14 -2.48 -8.16 4.63
N VAL A 15 -2.20 -6.95 4.17
CA VAL A 15 -2.20 -6.62 2.76
C VAL A 15 -0.76 -6.46 2.30
N MET A 16 -0.49 -6.74 1.04
CA MET A 16 0.88 -6.91 0.60
C MET A 16 1.51 -5.62 0.08
N GLY A 17 2.05 -4.82 0.99
CA GLY A 17 2.91 -3.73 0.60
C GLY A 17 4.33 -4.20 0.38
N GLY A 18 4.60 -4.69 -0.83
CA GLY A 18 5.92 -5.22 -1.13
C GLY A 18 6.09 -6.62 -0.56
N GLY A 19 6.83 -6.72 0.54
CA GLY A 19 7.02 -7.99 1.20
C GLY A 19 6.60 -7.93 2.65
N LYS A 20 5.87 -6.89 3.01
CA LYS A 20 5.41 -6.70 4.38
C LYS A 20 3.89 -6.49 4.40
N PRO A 21 3.21 -7.05 5.41
CA PRO A 21 1.79 -6.77 5.65
C PRO A 21 1.56 -5.32 6.09
N TRP A 22 0.62 -4.67 5.42
CA TRP A 22 0.21 -3.31 5.76
C TRP A 22 -1.24 -3.34 6.24
N HIS A 23 -1.82 -2.17 6.47
CA HIS A 23 -3.23 -2.08 6.90
C HIS A 23 -4.10 -1.69 5.72
N LYS A 24 -5.17 -2.44 5.48
CA LYS A 24 -6.04 -2.20 4.32
C LYS A 24 -6.66 -0.80 4.33
N THR A 25 -6.66 -0.14 5.49
CA THR A 25 -7.25 1.18 5.62
C THR A 25 -6.25 2.27 5.22
N CYS A 26 -4.98 2.04 5.49
CA CYS A 26 -3.94 3.03 5.23
C CYS A 26 -3.21 2.72 3.94
N PHE A 27 -3.25 1.44 3.56
CA PHE A 27 -2.61 0.95 2.35
C PHE A 27 -3.34 1.48 1.13
N ARG A 28 -3.18 2.77 0.92
CA ARG A 28 -3.86 3.48 -0.13
C ARG A 28 -2.89 4.46 -0.77
N CYS A 29 -2.98 4.62 -2.08
CA CYS A 29 -2.17 5.60 -2.74
C CYS A 29 -2.77 6.97 -2.50
N ALA A 30 -1.90 7.92 -2.20
CA ALA A 30 -2.29 9.28 -1.88
C ALA A 30 -2.71 10.06 -3.12
N ILE A 31 -2.61 9.45 -4.29
CA ILE A 31 -3.01 10.11 -5.52
C ILE A 31 -4.52 10.15 -5.64
N CYS A 32 -5.17 9.05 -5.29
CA CYS A 32 -6.61 8.97 -5.40
C CYS A 32 -7.23 8.83 -4.01
N GLY A 33 -6.40 8.44 -3.05
CA GLY A 33 -6.87 8.20 -1.70
C GLY A 33 -7.51 6.84 -1.58
N LYS A 34 -7.15 5.94 -2.48
CA LYS A 34 -7.82 4.65 -2.57
C LYS A 34 -6.89 3.51 -2.16
N SER A 35 -7.46 2.56 -1.42
CA SER A 35 -6.70 1.44 -0.88
C SER A 35 -6.30 0.43 -1.95
N LEU A 36 -5.34 -0.41 -1.60
CA LEU A 36 -4.84 -1.46 -2.47
C LEU A 36 -4.93 -2.80 -1.73
N GLU A 37 -4.51 -3.88 -2.40
CA GLU A 37 -4.63 -5.21 -1.82
C GLU A 37 -3.37 -6.03 -2.05
N SER A 38 -3.21 -6.52 -3.27
CA SER A 38 -2.10 -7.38 -3.61
C SER A 38 -1.93 -7.43 -5.12
N THR A 39 -0.68 -7.55 -5.58
CA THR A 39 -0.33 -7.60 -7.00
C THR A 39 -0.93 -6.42 -7.79
N ASN A 40 -1.18 -5.32 -7.11
CA ASN A 40 -1.69 -4.11 -7.74
C ASN A 40 -1.09 -2.89 -7.06
N VAL A 41 0.10 -3.09 -6.50
CA VAL A 41 0.76 -2.06 -5.70
C VAL A 41 2.14 -1.75 -6.28
N THR A 42 2.40 -0.46 -6.51
CA THR A 42 3.72 -0.03 -6.95
C THR A 42 4.10 1.26 -6.23
N ASP A 43 5.15 1.21 -5.43
CA ASP A 43 5.52 2.34 -4.59
C ASP A 43 6.73 3.09 -5.14
N LYS A 44 6.94 4.28 -4.60
CA LYS A 44 8.12 5.06 -4.90
C LYS A 44 8.75 5.52 -3.59
N ASP A 45 9.81 4.83 -3.18
CA ASP A 45 10.52 5.13 -1.94
C ASP A 45 9.64 4.90 -0.73
N GLY A 46 8.72 3.96 -0.84
CA GLY A 46 7.85 3.64 0.28
C GLY A 46 6.46 4.22 0.15
N GLU A 47 6.28 5.20 -0.73
CA GLU A 47 4.97 5.80 -0.93
C GLU A 47 4.19 4.98 -1.94
N LEU A 48 3.12 4.34 -1.48
CA LEU A 48 2.36 3.40 -2.29
C LEU A 48 1.54 4.12 -3.36
N TYR A 49 1.50 3.52 -4.54
CA TYR A 49 0.64 3.98 -5.62
C TYR A 49 -0.10 2.80 -6.21
N CYS A 50 -1.34 3.01 -6.63
CA CYS A 50 -2.11 1.97 -7.29
C CYS A 50 -1.49 1.64 -8.63
N LYS A 51 -1.69 0.41 -9.08
CA LYS A 51 -1.21 -0.03 -10.38
C LYS A 51 -1.83 0.84 -11.48
N VAL A 52 -3.00 1.37 -11.20
CA VAL A 52 -3.69 2.27 -12.12
C VAL A 52 -3.10 3.68 -12.04
N CYS A 53 -2.93 4.18 -10.82
CA CYS A 53 -2.41 5.52 -10.60
C CYS A 53 -0.94 5.64 -10.98
N TYR A 54 -0.18 4.57 -10.77
CA TYR A 54 1.22 4.55 -11.14
C TYR A 54 1.37 4.73 -12.65
N ALA A 55 0.44 4.13 -13.39
CA ALA A 55 0.43 4.25 -14.85
C ALA A 55 0.12 5.69 -15.28
N LYS A 56 -0.80 6.32 -14.55
CA LYS A 56 -1.16 7.71 -14.84
C LYS A 56 -0.01 8.65 -14.49
N ASN A 57 0.55 8.46 -13.31
CA ASN A 57 1.57 9.37 -12.79
C ASN A 57 2.91 9.18 -13.49
N PHE A 58 3.31 7.93 -13.70
CA PHE A 58 4.60 7.66 -14.34
C PHE A 58 4.45 6.72 -15.53
ZN ZN B . -4.52 5.46 -6.40
ZN ZN C . -0.98 1.30 8.50
N LYS A 1 5.95 -2.87 10.82
CA LYS A 1 4.92 -1.90 11.12
C LYS A 1 4.45 -1.18 9.86
N CYS A 2 3.22 -0.71 9.89
CA CYS A 2 2.68 0.18 8.88
C CYS A 2 3.20 1.58 9.14
N PRO A 3 4.02 2.12 8.23
CA PRO A 3 4.61 3.46 8.39
C PRO A 3 3.60 4.59 8.16
N ARG A 4 2.33 4.23 8.03
CA ARG A 4 1.26 5.22 7.97
C ARG A 4 0.84 5.56 9.39
N CYS A 5 0.90 4.54 10.23
CA CYS A 5 0.46 4.65 11.61
C CYS A 5 1.60 4.49 12.60
N GLY A 6 2.63 3.76 12.18
CA GLY A 6 3.68 3.37 13.08
C GLY A 6 3.27 2.16 13.90
N LYS A 7 2.36 1.37 13.33
CA LYS A 7 1.73 0.27 14.05
C LYS A 7 1.99 -1.07 13.39
N SER A 8 2.37 -2.06 14.19
CA SER A 8 2.71 -3.39 13.69
C SER A 8 1.55 -4.04 12.94
N VAL A 9 1.89 -4.85 11.94
CA VAL A 9 0.91 -5.58 11.16
C VAL A 9 1.25 -7.06 11.13
N TYR A 10 0.24 -7.92 11.26
CA TYR A 10 0.46 -9.35 11.16
C TYR A 10 -0.53 -10.00 10.20
N ALA A 11 -0.47 -11.33 10.10
CA ALA A 11 -1.19 -12.10 9.07
C ALA A 11 -2.65 -11.69 8.91
N ALA A 12 -3.31 -11.34 10.01
CA ALA A 12 -4.74 -11.00 9.99
C ALA A 12 -5.06 -9.91 8.98
N GLU A 13 -4.16 -8.95 8.80
CA GLU A 13 -4.38 -7.88 7.84
C GLU A 13 -3.11 -7.59 7.03
N LYS A 14 -2.23 -8.58 6.97
CA LYS A 14 -0.95 -8.44 6.28
C LYS A 14 -1.13 -8.38 4.76
N VAL A 15 -1.28 -7.18 4.24
CA VAL A 15 -1.18 -6.93 2.82
C VAL A 15 0.24 -6.49 2.50
N MET A 16 0.84 -7.12 1.51
CA MET A 16 2.25 -6.95 1.26
C MET A 16 2.54 -5.71 0.41
N GLY A 17 2.75 -4.59 1.07
CA GLY A 17 3.21 -3.41 0.38
C GLY A 17 4.72 -3.31 0.42
N GLY A 18 5.35 -3.34 -0.74
CA GLY A 18 6.80 -3.22 -0.80
C GLY A 18 7.52 -4.43 -0.23
N GLY A 19 6.79 -5.54 -0.14
CA GLY A 19 7.38 -6.77 0.35
C GLY A 19 7.25 -6.94 1.85
N LYS A 20 6.39 -6.16 2.48
CA LYS A 20 6.16 -6.28 3.91
C LYS A 20 4.70 -5.98 4.28
N PRO A 21 4.23 -6.49 5.43
CA PRO A 21 2.88 -6.26 5.95
C PRO A 21 2.53 -4.78 6.11
N TRP A 22 1.35 -4.43 5.62
CA TRP A 22 0.75 -3.11 5.82
C TRP A 22 -0.68 -3.29 6.30
N HIS A 23 -1.30 -2.23 6.82
CA HIS A 23 -2.73 -2.29 7.18
C HIS A 23 -3.57 -2.22 5.91
N LYS A 24 -4.69 -2.93 5.90
CA LYS A 24 -5.57 -2.95 4.74
C LYS A 24 -6.23 -1.59 4.54
N THR A 25 -6.33 -0.84 5.63
CA THR A 25 -6.89 0.50 5.60
C THR A 25 -5.87 1.51 5.08
N CYS A 26 -4.60 1.15 5.17
CA CYS A 26 -3.52 2.05 4.80
C CYS A 26 -2.82 1.56 3.55
N PHE A 27 -3.28 0.43 3.05
CA PHE A 27 -2.77 -0.14 1.81
C PHE A 27 -3.35 0.64 0.65
N ARG A 28 -3.15 1.93 0.69
CA ARG A 28 -3.73 2.84 -0.28
C ARG A 28 -2.63 3.64 -0.94
N CYS A 29 -2.92 4.18 -2.11
CA CYS A 29 -2.05 5.17 -2.68
C CYS A 29 -2.58 6.54 -2.25
N ALA A 30 -1.63 7.42 -1.92
CA ALA A 30 -1.95 8.75 -1.43
C ALA A 30 -2.41 9.69 -2.54
N ILE A 31 -2.38 9.20 -3.78
CA ILE A 31 -2.79 10.02 -4.91
C ILE A 31 -4.30 10.14 -4.96
N CYS A 32 -4.99 9.01 -4.83
CA CYS A 32 -6.42 9.01 -4.89
C CYS A 32 -6.99 8.73 -3.50
N GLY A 33 -6.10 8.33 -2.59
CA GLY A 33 -6.50 8.00 -1.25
C GLY A 33 -7.30 6.71 -1.22
N LYS A 34 -7.03 5.83 -2.18
CA LYS A 34 -7.86 4.65 -2.36
C LYS A 34 -7.08 3.36 -2.09
N SER A 35 -7.75 2.42 -1.43
CA SER A 35 -7.11 1.19 -0.96
C SER A 35 -6.91 0.16 -2.08
N LEU A 36 -5.80 -0.55 -1.97
CA LEU A 36 -5.42 -1.57 -2.93
C LEU A 36 -5.63 -2.94 -2.32
N GLU A 37 -5.63 -3.98 -3.16
CA GLU A 37 -5.86 -5.34 -2.67
C GLU A 37 -4.98 -6.36 -3.39
N SER A 38 -5.42 -6.83 -4.56
CA SER A 38 -4.73 -7.91 -5.24
C SER A 38 -4.04 -7.44 -6.52
N THR A 39 -4.82 -7.33 -7.61
CA THR A 39 -4.27 -7.01 -8.93
C THR A 39 -3.78 -5.56 -9.01
N ASN A 40 -4.20 -4.74 -8.05
CA ASN A 40 -3.79 -3.35 -8.02
C ASN A 40 -2.92 -3.05 -6.80
N VAL A 41 -1.62 -3.12 -6.98
CA VAL A 41 -0.67 -2.58 -6.01
C VAL A 41 0.73 -2.55 -6.60
N THR A 42 1.29 -1.36 -6.67
CA THR A 42 2.66 -1.21 -7.10
C THR A 42 3.38 -0.17 -6.24
N ASP A 43 4.45 -0.59 -5.59
CA ASP A 43 5.18 0.27 -4.69
C ASP A 43 6.33 0.98 -5.39
N LYS A 44 6.61 2.20 -4.97
CA LYS A 44 7.73 2.97 -5.49
C LYS A 44 8.32 3.84 -4.38
N ASP A 45 9.59 3.60 -4.07
CA ASP A 45 10.31 4.38 -3.07
C ASP A 45 9.70 4.19 -1.69
N GLY A 46 9.01 3.08 -1.49
CA GLY A 46 8.37 2.81 -0.21
C GLY A 46 6.93 3.27 -0.17
N GLU A 47 6.55 4.08 -1.15
CA GLU A 47 5.20 4.60 -1.25
C GLU A 47 4.36 3.66 -2.10
N LEU A 48 3.08 3.54 -1.79
CA LEU A 48 2.19 2.66 -2.54
C LEU A 48 1.40 3.45 -3.56
N TYR A 49 1.25 2.88 -4.74
CA TYR A 49 0.49 3.49 -5.80
C TYR A 49 -0.37 2.46 -6.50
N CYS A 50 -1.58 2.86 -6.89
CA CYS A 50 -2.44 2.00 -7.67
C CYS A 50 -1.87 1.86 -9.07
N LYS A 51 -2.23 0.81 -9.79
CA LYS A 51 -1.70 0.59 -11.13
C LYS A 51 -1.93 1.83 -12.01
N VAL A 52 -3.14 2.38 -11.93
CA VAL A 52 -3.51 3.55 -12.72
C VAL A 52 -2.75 4.79 -12.26
N CYS A 53 -2.74 5.02 -10.95
CA CYS A 53 -2.08 6.18 -10.37
C CYS A 53 -0.56 6.13 -10.59
N TYR A 54 0.02 4.94 -10.42
CA TYR A 54 1.44 4.72 -10.62
C TYR A 54 1.82 4.88 -12.08
N ALA A 55 1.00 4.37 -12.98
CA ALA A 55 1.30 4.50 -14.40
C ALA A 55 1.25 5.96 -14.84
N LYS A 56 0.49 6.76 -14.10
CA LYS A 56 0.29 8.16 -14.46
C LYS A 56 1.56 8.99 -14.23
N ASN A 57 1.99 9.11 -12.97
CA ASN A 57 3.18 9.91 -12.65
C ASN A 57 4.43 9.05 -12.51
N PHE A 58 4.21 7.76 -12.26
CA PHE A 58 5.27 6.75 -12.08
C PHE A 58 5.78 6.73 -10.63
ZN ZN B . -4.49 5.57 -6.31
ZN ZN C . -1.84 1.75 9.24
N LYS A 1 4.75 -3.38 10.26
CA LYS A 1 4.24 -2.04 10.50
C LYS A 1 3.60 -1.40 9.27
N CYS A 2 2.57 -0.62 9.53
CA CYS A 2 1.91 0.21 8.52
C CYS A 2 2.44 1.63 8.60
N PRO A 3 3.15 2.09 7.56
CA PRO A 3 3.75 3.44 7.53
C PRO A 3 2.71 4.55 7.38
N ARG A 4 1.47 4.16 7.15
CA ARG A 4 0.39 5.13 7.02
C ARG A 4 -0.03 5.59 8.40
N CYS A 5 -0.19 4.63 9.30
CA CYS A 5 -0.60 4.91 10.66
C CYS A 5 0.60 5.00 11.59
N GLY A 6 1.69 4.35 11.20
CA GLY A 6 2.83 4.24 12.08
C GLY A 6 2.58 3.20 13.15
N LYS A 7 1.74 2.24 12.81
CA LYS A 7 1.28 1.23 13.76
C LYS A 7 1.75 -0.16 13.33
N SER A 8 1.52 -1.15 14.18
CA SER A 8 1.96 -2.50 13.89
C SER A 8 0.86 -3.31 13.21
N VAL A 9 1.28 -4.34 12.48
CA VAL A 9 0.37 -5.21 11.75
C VAL A 9 0.68 -6.67 12.05
N TYR A 10 -0.28 -7.56 11.84
CA TYR A 10 0.00 -8.99 11.95
C TYR A 10 -0.57 -9.75 10.75
N ALA A 11 -0.42 -11.08 10.75
CA ALA A 11 -0.70 -11.91 9.59
C ALA A 11 -2.11 -11.72 9.03
N ALA A 12 -3.10 -11.60 9.91
CA ALA A 12 -4.49 -11.44 9.50
C ALA A 12 -4.68 -10.22 8.60
N GLU A 13 -3.84 -9.21 8.78
CA GLU A 13 -3.92 -8.00 7.99
C GLU A 13 -2.74 -7.92 7.02
N LYS A 14 -1.84 -8.89 7.11
CA LYS A 14 -0.58 -8.86 6.39
C LYS A 14 -0.76 -8.81 4.87
N VAL A 15 -0.77 -7.59 4.35
CA VAL A 15 -0.64 -7.35 2.93
C VAL A 15 0.75 -6.75 2.68
N MET A 16 1.59 -7.53 2.01
CA MET A 16 3.01 -7.18 1.88
C MET A 16 3.23 -6.02 0.93
N GLY A 17 3.18 -4.81 1.48
CA GLY A 17 3.48 -3.63 0.69
C GLY A 17 4.92 -3.19 0.86
N GLY A 18 5.68 -3.27 -0.22
CA GLY A 18 7.06 -2.80 -0.19
C GLY A 18 7.97 -3.69 0.64
N GLY A 19 7.50 -4.90 0.93
CA GLY A 19 8.31 -5.85 1.68
C GLY A 19 7.88 -6.01 3.12
N LYS A 20 6.83 -5.30 3.54
CA LYS A 20 6.30 -5.45 4.89
C LYS A 20 4.78 -5.36 4.91
N PRO A 21 4.14 -6.07 5.86
CA PRO A 21 2.68 -6.06 6.02
C PRO A 21 2.13 -4.71 6.43
N TRP A 22 1.18 -4.22 5.65
CA TRP A 22 0.45 -3.00 5.99
C TRP A 22 -0.94 -3.39 6.48
N HIS A 23 -1.71 -2.43 6.97
CA HIS A 23 -3.10 -2.69 7.29
C HIS A 23 -3.89 -2.78 6.01
N LYS A 24 -4.82 -3.73 5.94
CA LYS A 24 -5.68 -3.87 4.76
C LYS A 24 -6.47 -2.58 4.49
N THR A 25 -6.63 -1.77 5.53
CA THR A 25 -7.30 -0.49 5.39
C THR A 25 -6.42 0.51 4.63
N CYS A 26 -5.12 0.49 4.94
CA CYS A 26 -4.20 1.51 4.46
C CYS A 26 -3.19 0.95 3.48
N PHE A 27 -3.40 -0.29 3.07
CA PHE A 27 -2.64 -0.86 1.96
C PHE A 27 -3.10 -0.15 0.70
N ARG A 28 -2.63 1.07 0.54
CA ARG A 28 -3.16 1.99 -0.43
C ARG A 28 -2.14 3.04 -0.77
N CYS A 29 -2.38 3.79 -1.82
CA CYS A 29 -1.51 4.89 -2.16
C CYS A 29 -1.98 6.14 -1.44
N ALA A 30 -1.00 6.84 -0.87
CA ALA A 30 -1.22 8.05 -0.11
C ALA A 30 -1.52 9.23 -1.03
N ILE A 31 -1.36 9.04 -2.33
CA ILE A 31 -1.61 10.10 -3.28
C ILE A 31 -3.10 10.44 -3.29
N CYS A 32 -3.93 9.42 -3.32
CA CYS A 32 -5.36 9.63 -3.40
C CYS A 32 -6.02 9.15 -2.11
N GLY A 33 -5.39 8.16 -1.48
CA GLY A 33 -5.96 7.55 -0.31
C GLY A 33 -6.78 6.33 -0.66
N LYS A 34 -6.47 5.71 -1.80
CA LYS A 34 -7.29 4.60 -2.31
C LYS A 34 -6.64 3.26 -2.07
N SER A 35 -7.41 2.34 -1.51
CA SER A 35 -6.91 1.03 -1.10
C SER A 35 -6.63 0.13 -2.28
N LEU A 36 -5.57 -0.67 -2.16
CA LEU A 36 -5.17 -1.61 -3.18
C LEU A 36 -5.67 -3.00 -2.83
N GLU A 37 -6.06 -3.75 -3.85
CA GLU A 37 -6.62 -5.08 -3.65
C GLU A 37 -5.60 -6.16 -3.98
N SER A 38 -5.39 -6.42 -5.27
CA SER A 38 -4.42 -7.41 -5.69
C SER A 38 -3.77 -7.02 -7.02
N THR A 39 -4.58 -6.76 -8.02
CA THR A 39 -4.09 -6.50 -9.36
C THR A 39 -3.64 -5.05 -9.53
N ASN A 40 -4.01 -4.20 -8.59
CA ASN A 40 -3.65 -2.79 -8.65
C ASN A 40 -2.57 -2.46 -7.64
N VAL A 41 -1.92 -3.49 -7.10
CA VAL A 41 -0.86 -3.28 -6.11
C VAL A 41 0.46 -2.91 -6.82
N THR A 42 0.78 -1.62 -6.78
CA THR A 42 2.03 -1.15 -7.38
C THR A 42 2.84 -0.41 -6.33
N ASP A 43 4.16 -0.40 -6.49
CA ASP A 43 5.01 0.35 -5.57
C ASP A 43 6.15 1.00 -6.35
N LYS A 44 6.64 2.10 -5.82
CA LYS A 44 7.79 2.77 -6.40
C LYS A 44 8.56 3.50 -5.32
N ASP A 45 9.85 3.18 -5.22
CA ASP A 45 10.74 3.83 -4.25
C ASP A 45 10.29 3.54 -2.82
N GLY A 46 9.67 2.39 -2.63
CA GLY A 46 9.23 1.98 -1.31
C GLY A 46 7.85 2.49 -0.95
N GLU A 47 7.29 3.36 -1.79
CA GLU A 47 5.97 3.89 -1.55
C GLU A 47 4.94 3.16 -2.40
N LEU A 48 3.83 2.79 -1.78
CA LEU A 48 2.76 2.07 -2.47
C LEU A 48 1.90 3.03 -3.27
N TYR A 49 1.58 2.64 -4.50
CA TYR A 49 0.77 3.43 -5.39
C TYR A 49 -0.27 2.55 -6.09
N CYS A 50 -1.44 3.12 -6.34
CA CYS A 50 -2.45 2.45 -7.12
C CYS A 50 -1.97 2.30 -8.56
N LYS A 51 -2.46 1.28 -9.27
CA LYS A 51 -2.08 1.08 -10.65
C LYS A 51 -2.45 2.30 -11.48
N VAL A 52 -3.59 2.90 -11.14
CA VAL A 52 -4.07 4.11 -11.82
C VAL A 52 -3.20 5.31 -11.46
N CYS A 53 -2.87 5.44 -10.18
CA CYS A 53 -2.07 6.55 -9.72
C CYS A 53 -0.62 6.43 -10.20
N TYR A 54 -0.13 5.21 -10.38
CA TYR A 54 1.19 4.99 -10.94
C TYR A 54 1.20 5.34 -12.40
N ALA A 55 0.09 5.08 -13.08
CA ALA A 55 -0.05 5.45 -14.48
C ALA A 55 0.09 6.97 -14.66
N LYS A 56 -0.18 7.72 -13.59
CA LYS A 56 -0.05 9.17 -13.62
C LYS A 56 1.41 9.61 -13.47
N ASN A 57 2.20 8.92 -12.66
CA ASN A 57 3.59 9.31 -12.44
C ASN A 57 4.58 8.52 -13.31
N PHE A 58 4.16 7.32 -13.74
CA PHE A 58 4.93 6.47 -14.66
C PHE A 58 6.16 5.82 -14.00
ZN ZN B . -4.01 6.14 -5.42
ZN ZN C . -2.68 1.55 8.86
N LYS A 1 5.07 -4.21 10.08
CA LYS A 1 4.45 -3.03 10.63
C LYS A 1 4.08 -2.01 9.56
N CYS A 2 2.91 -1.41 9.71
CA CYS A 2 2.48 -0.29 8.89
C CYS A 2 3.09 1.00 9.43
N PRO A 3 4.03 1.60 8.69
CA PRO A 3 4.75 2.80 9.11
C PRO A 3 3.85 4.03 9.16
N ARG A 4 2.63 3.88 8.67
CA ARG A 4 1.68 4.98 8.69
C ARG A 4 1.10 5.12 10.09
N CYS A 5 0.77 3.98 10.68
CA CYS A 5 0.25 3.95 12.04
C CYS A 5 1.36 3.80 13.05
N GLY A 6 2.43 3.13 12.63
CA GLY A 6 3.47 2.72 13.55
C GLY A 6 3.02 1.53 14.35
N LYS A 7 2.26 0.67 13.68
CA LYS A 7 1.57 -0.43 14.32
C LYS A 7 1.80 -1.72 13.52
N SER A 8 2.11 -2.80 14.22
CA SER A 8 2.38 -4.08 13.57
C SER A 8 1.11 -4.70 13.02
N VAL A 9 1.22 -5.33 11.87
CA VAL A 9 0.08 -5.93 11.19
C VAL A 9 0.32 -7.42 10.94
N TYR A 10 -0.72 -8.22 11.05
CA TYR A 10 -0.60 -9.64 10.79
C TYR A 10 -1.55 -10.08 9.68
N ALA A 11 -1.66 -11.39 9.46
CA ALA A 11 -2.36 -11.96 8.29
C ALA A 11 -3.73 -11.33 8.02
N ALA A 12 -4.45 -10.94 9.07
CA ALA A 12 -5.81 -10.40 8.92
C ALA A 12 -5.85 -9.22 7.95
N GLU A 13 -4.94 -8.28 8.11
CA GLU A 13 -4.88 -7.09 7.26
C GLU A 13 -3.65 -7.15 6.37
N LYS A 14 -2.97 -8.29 6.38
CA LYS A 14 -1.65 -8.42 5.77
C LYS A 14 -1.67 -8.22 4.26
N VAL A 15 -1.45 -6.98 3.86
CA VAL A 15 -1.19 -6.63 2.48
C VAL A 15 0.27 -6.22 2.33
N MET A 16 0.89 -6.63 1.24
CA MET A 16 2.34 -6.50 1.10
C MET A 16 2.76 -5.08 0.69
N GLY A 17 2.90 -4.20 1.66
CA GLY A 17 3.50 -2.91 1.41
C GLY A 17 5.01 -3.04 1.26
N GLY A 18 5.45 -3.25 0.01
CA GLY A 18 6.86 -3.44 -0.25
C GLY A 18 7.32 -4.84 0.10
N GLY A 19 6.42 -5.61 0.71
CA GLY A 19 6.77 -6.95 1.12
C GLY A 19 6.34 -7.24 2.55
N LYS A 20 5.99 -6.20 3.28
CA LYS A 20 5.57 -6.34 4.67
C LYS A 20 4.13 -5.86 4.85
N PRO A 21 3.35 -6.57 5.68
CA PRO A 21 1.94 -6.26 5.93
C PRO A 21 1.68 -4.86 6.46
N TRP A 22 0.92 -4.11 5.70
CA TRP A 22 0.35 -2.86 6.16
C TRP A 22 -1.13 -3.09 6.44
N HIS A 23 -1.81 -2.12 7.03
CA HIS A 23 -3.26 -2.22 7.15
C HIS A 23 -3.87 -1.87 5.81
N LYS A 24 -4.92 -2.57 5.41
CA LYS A 24 -5.61 -2.26 4.16
C LYS A 24 -6.25 -0.87 4.23
N THR A 25 -6.39 -0.37 5.46
CA THR A 25 -6.92 0.97 5.67
C THR A 25 -5.90 2.06 5.35
N CYS A 26 -4.62 1.66 5.30
CA CYS A 26 -3.53 2.62 5.10
C CYS A 26 -2.70 2.26 3.89
N PHE A 27 -2.74 0.98 3.52
CA PHE A 27 -2.10 0.51 2.31
C PHE A 27 -2.86 1.05 1.11
N ARG A 28 -2.67 2.33 0.88
CA ARG A 28 -3.41 3.05 -0.12
C ARG A 28 -2.52 4.13 -0.70
N CYS A 29 -2.60 4.33 -1.99
CA CYS A 29 -1.80 5.37 -2.60
C CYS A 29 -2.37 6.72 -2.21
N ALA A 30 -1.48 7.61 -1.82
CA ALA A 30 -1.83 8.93 -1.32
C ALA A 30 -2.29 9.86 -2.43
N ILE A 31 -2.16 9.43 -3.68
CA ILE A 31 -2.56 10.25 -4.82
C ILE A 31 -4.07 10.34 -4.89
N CYS A 32 -4.75 9.25 -4.57
CA CYS A 32 -6.19 9.23 -4.66
C CYS A 32 -6.79 8.91 -3.29
N GLY A 33 -6.06 8.09 -2.53
CA GLY A 33 -6.56 7.61 -1.26
C GLY A 33 -7.14 6.21 -1.39
N LYS A 34 -6.65 5.46 -2.37
CA LYS A 34 -7.26 4.14 -2.67
C LYS A 34 -6.49 2.99 -2.06
N SER A 35 -7.19 2.20 -1.23
CA SER A 35 -6.62 1.00 -0.64
C SER A 35 -6.35 -0.07 -1.69
N LEU A 36 -5.13 -0.57 -1.70
CA LEU A 36 -4.70 -1.52 -2.71
C LEU A 36 -4.87 -2.96 -2.26
N GLU A 37 -5.13 -3.83 -3.24
CA GLU A 37 -5.10 -5.26 -3.03
C GLU A 37 -3.68 -5.76 -3.25
N SER A 38 -3.28 -6.76 -2.49
CA SER A 38 -1.89 -7.21 -2.44
C SER A 38 -1.42 -7.76 -3.79
N THR A 39 -2.35 -7.96 -4.71
CA THR A 39 -2.03 -8.48 -6.03
C THR A 39 -2.00 -7.37 -7.08
N ASN A 40 -2.31 -6.14 -6.66
CA ASN A 40 -2.35 -5.01 -7.57
C ASN A 40 -1.57 -3.84 -6.99
N VAL A 41 -0.28 -4.06 -6.73
CA VAL A 41 0.54 -3.08 -6.05
C VAL A 41 1.68 -2.60 -6.94
N THR A 42 1.97 -1.31 -6.88
CA THR A 42 3.16 -0.78 -7.52
C THR A 42 3.85 0.21 -6.60
N ASP A 43 5.02 -0.15 -6.10
CA ASP A 43 5.74 0.72 -5.17
C ASP A 43 6.82 1.50 -5.90
N LYS A 44 7.08 2.70 -5.44
CA LYS A 44 8.11 3.54 -6.02
C LYS A 44 8.90 4.22 -4.90
N ASP A 45 10.09 3.68 -4.64
CA ASP A 45 10.98 4.21 -3.60
C ASP A 45 10.30 4.22 -2.24
N GLY A 46 9.60 3.14 -1.92
CA GLY A 46 9.00 3.01 -0.61
C GLY A 46 7.56 3.48 -0.54
N GLU A 47 7.16 4.31 -1.49
CA GLU A 47 5.80 4.83 -1.50
C GLU A 47 4.93 3.94 -2.37
N LEU A 48 3.73 3.64 -1.88
CA LEU A 48 2.82 2.73 -2.57
C LEU A 48 1.87 3.51 -3.46
N TYR A 49 1.71 3.05 -4.69
CA TYR A 49 0.80 3.67 -5.64
C TYR A 49 -0.06 2.62 -6.34
N CYS A 50 -1.27 3.00 -6.69
CA CYS A 50 -2.15 2.15 -7.46
C CYS A 50 -1.62 1.98 -8.88
N LYS A 51 -1.92 0.84 -9.49
CA LYS A 51 -1.52 0.58 -10.87
C LYS A 51 -2.14 1.61 -11.80
N VAL A 52 -3.27 2.18 -11.39
CA VAL A 52 -3.96 3.19 -12.18
C VAL A 52 -3.29 4.55 -12.01
N CYS A 53 -3.02 4.92 -10.77
CA CYS A 53 -2.41 6.21 -10.46
C CYS A 53 -0.97 6.27 -10.93
N TYR A 54 -0.27 5.15 -10.81
CA TYR A 54 1.09 5.03 -11.32
C TYR A 54 1.08 5.22 -12.83
N ALA A 55 0.04 4.67 -13.47
CA ALA A 55 -0.12 4.76 -14.90
C ALA A 55 -0.50 6.18 -15.33
N LYS A 56 -1.11 6.93 -14.42
CA LYS A 56 -1.45 8.32 -14.71
C LYS A 56 -0.20 9.19 -14.62
N ASN A 57 0.58 8.98 -13.57
CA ASN A 57 1.76 9.79 -13.32
C ASN A 57 2.81 9.58 -14.41
N PHE A 58 2.98 8.34 -14.84
CA PHE A 58 4.01 8.02 -15.84
C PHE A 58 3.43 7.92 -17.24
ZN ZN B . -4.26 5.73 -6.14
ZN ZN C . -1.98 1.31 9.39
N LYS A 1 5.14 -4.60 11.40
CA LYS A 1 5.14 -3.19 11.77
C LYS A 1 4.88 -2.32 10.54
N CYS A 2 3.74 -1.65 10.57
CA CYS A 2 3.37 -0.73 9.51
C CYS A 2 3.95 0.66 9.79
N PRO A 3 4.72 1.20 8.83
CA PRO A 3 5.29 2.54 8.95
C PRO A 3 4.35 3.62 8.45
N ARG A 4 3.17 3.21 7.99
CA ARG A 4 2.19 4.15 7.46
C ARG A 4 1.33 4.68 8.60
N CYS A 5 1.10 3.84 9.59
CA CYS A 5 0.35 4.24 10.78
C CYS A 5 1.24 4.24 12.01
N GLY A 6 2.25 3.38 12.00
CA GLY A 6 3.06 3.17 13.19
C GLY A 6 2.42 2.13 14.09
N LYS A 7 1.85 1.11 13.47
CA LYS A 7 1.08 0.10 14.21
C LYS A 7 1.48 -1.30 13.75
N SER A 8 1.21 -2.29 14.59
CA SER A 8 1.51 -3.67 14.25
C SER A 8 0.44 -4.24 13.33
N VAL A 9 0.81 -5.25 12.55
CA VAL A 9 -0.13 -5.90 11.64
C VAL A 9 -0.36 -7.35 12.07
N TYR A 10 -1.59 -7.83 11.92
CA TYR A 10 -1.91 -9.22 12.21
C TYR A 10 -1.96 -10.05 10.92
N ALA A 11 -2.15 -11.34 11.05
CA ALA A 11 -2.14 -12.24 9.90
C ALA A 11 -3.33 -12.02 8.98
N ALA A 12 -4.48 -11.74 9.57
CA ALA A 12 -5.75 -11.65 8.84
C ALA A 12 -5.69 -10.65 7.67
N GLU A 13 -5.13 -9.47 7.92
CA GLU A 13 -5.09 -8.44 6.89
C GLU A 13 -3.66 -8.06 6.55
N LYS A 14 -2.77 -9.04 6.65
CA LYS A 14 -1.38 -8.88 6.27
C LYS A 14 -1.25 -8.72 4.75
N VAL A 15 -1.28 -7.48 4.30
CA VAL A 15 -1.03 -7.15 2.92
C VAL A 15 0.48 -7.02 2.70
N MET A 16 1.02 -7.74 1.75
CA MET A 16 2.46 -7.76 1.54
C MET A 16 2.95 -6.49 0.87
N GLY A 17 3.19 -5.45 1.66
CA GLY A 17 3.80 -4.25 1.15
C GLY A 17 5.32 -4.32 1.18
N GLY A 18 5.93 -4.41 0.00
CA GLY A 18 7.37 -4.52 -0.08
C GLY A 18 7.85 -5.91 0.29
N GLY A 19 7.89 -6.18 1.58
CA GLY A 19 8.32 -7.48 2.05
C GLY A 19 7.84 -7.75 3.46
N LYS A 20 6.81 -7.03 3.89
CA LYS A 20 6.26 -7.19 5.22
C LYS A 20 4.78 -6.85 5.24
N PRO A 21 4.05 -7.33 6.27
CA PRO A 21 2.63 -6.99 6.48
C PRO A 21 2.36 -5.49 6.57
N TRP A 22 1.32 -5.08 5.85
CA TRP A 22 0.78 -3.73 5.90
C TRP A 22 -0.71 -3.81 6.18
N HIS A 23 -1.35 -2.66 6.35
CA HIS A 23 -2.79 -2.64 6.63
C HIS A 23 -3.56 -2.32 5.35
N LYS A 24 -4.65 -3.05 5.14
CA LYS A 24 -5.49 -2.85 3.96
C LYS A 24 -6.09 -1.44 3.92
N THR A 25 -6.10 -0.78 5.07
CA THR A 25 -6.68 0.54 5.20
C THR A 25 -5.70 1.65 4.83
N CYS A 26 -4.42 1.42 5.06
CA CYS A 26 -3.41 2.45 4.88
C CYS A 26 -2.53 2.17 3.68
N PHE A 27 -2.55 0.92 3.23
CA PHE A 27 -1.82 0.53 2.03
C PHE A 27 -2.53 1.12 0.83
N ARG A 28 -2.50 2.43 0.78
CA ARG A 28 -3.26 3.20 -0.17
C ARG A 28 -2.39 4.30 -0.74
N CYS A 29 -2.59 4.59 -2.01
CA CYS A 29 -1.88 5.69 -2.60
C CYS A 29 -2.62 6.98 -2.27
N ALA A 30 -1.82 7.97 -1.90
CA ALA A 30 -2.33 9.26 -1.46
C ALA A 30 -2.82 10.09 -2.63
N ILE A 31 -2.59 9.63 -3.85
CA ILE A 31 -2.98 10.38 -5.04
C ILE A 31 -4.50 10.36 -5.19
N CYS A 32 -5.11 9.22 -4.91
CA CYS A 32 -6.54 9.08 -5.06
C CYS A 32 -7.20 8.91 -3.70
N GLY A 33 -6.41 8.41 -2.76
CA GLY A 33 -6.93 8.09 -1.44
C GLY A 33 -7.54 6.71 -1.42
N LYS A 34 -7.01 5.83 -2.27
CA LYS A 34 -7.62 4.50 -2.45
C LYS A 34 -6.64 3.41 -2.05
N SER A 35 -7.17 2.39 -1.39
CA SER A 35 -6.36 1.31 -0.84
C SER A 35 -6.05 0.26 -1.89
N LEU A 36 -4.82 -0.22 -1.84
CA LEU A 36 -4.35 -1.27 -2.71
C LEU A 36 -4.79 -2.63 -2.12
N GLU A 37 -6.00 -3.02 -2.50
CA GLU A 37 -6.67 -4.20 -1.94
C GLU A 37 -5.78 -5.44 -2.00
N SER A 38 -5.27 -5.77 -3.19
CA SER A 38 -4.35 -6.90 -3.32
C SER A 38 -3.43 -6.73 -4.54
N THR A 39 -3.87 -7.21 -5.69
CA THR A 39 -3.02 -7.23 -6.88
C THR A 39 -3.14 -5.94 -7.71
N ASN A 40 -2.38 -4.93 -7.29
CA ASN A 40 -2.36 -3.65 -8.01
C ASN A 40 -1.33 -2.71 -7.37
N VAL A 41 -0.25 -3.30 -6.89
CA VAL A 41 0.73 -2.57 -6.09
C VAL A 41 1.91 -2.12 -6.95
N THR A 42 2.12 -0.81 -7.01
CA THR A 42 3.30 -0.25 -7.66
C THR A 42 4.00 0.73 -6.73
N ASP A 43 5.23 0.41 -6.37
CA ASP A 43 6.00 1.22 -5.44
C ASP A 43 6.85 2.24 -6.18
N LYS A 44 6.88 3.45 -5.67
CA LYS A 44 7.73 4.49 -6.23
C LYS A 44 8.60 5.12 -5.16
N ASP A 45 9.83 4.64 -5.08
CA ASP A 45 10.88 5.21 -4.20
C ASP A 45 10.63 4.90 -2.73
N GLY A 46 9.37 4.76 -2.34
CA GLY A 46 9.04 4.52 -0.96
C GLY A 46 7.55 4.67 -0.70
N GLU A 47 6.86 5.38 -1.59
CA GLU A 47 5.41 5.52 -1.48
C GLU A 47 4.70 4.48 -2.32
N LEU A 48 3.60 3.98 -1.78
CA LEU A 48 2.81 2.96 -2.44
C LEU A 48 1.76 3.64 -3.32
N TYR A 49 1.76 3.32 -4.60
CA TYR A 49 0.80 3.89 -5.53
C TYR A 49 0.06 2.80 -6.27
N CYS A 50 -1.19 3.10 -6.65
CA CYS A 50 -2.01 2.18 -7.41
C CYS A 50 -1.48 2.04 -8.83
N LYS A 51 -1.65 0.86 -9.40
CA LYS A 51 -1.24 0.59 -10.78
C LYS A 51 -1.92 1.54 -11.76
N VAL A 52 -3.09 2.04 -11.35
CA VAL A 52 -3.85 3.00 -12.17
C VAL A 52 -3.25 4.40 -12.02
N CYS A 53 -3.01 4.81 -10.78
CA CYS A 53 -2.47 6.13 -10.49
C CYS A 53 -1.02 6.24 -10.96
N TYR A 54 -0.30 5.13 -10.91
CA TYR A 54 1.07 5.06 -11.42
C TYR A 54 1.06 5.26 -12.93
N ALA A 55 0.01 4.78 -13.57
CA ALA A 55 -0.16 4.92 -15.01
C ALA A 55 -0.52 6.35 -15.39
N LYS A 56 -1.10 7.09 -14.45
CA LYS A 56 -1.45 8.48 -14.68
C LYS A 56 -0.19 9.34 -14.77
N ASN A 57 0.76 9.07 -13.88
CA ASN A 57 1.97 9.88 -13.78
C ASN A 57 3.06 9.39 -14.73
N PHE A 58 3.36 8.10 -14.67
CA PHE A 58 4.35 7.53 -15.56
C PHE A 58 3.70 6.92 -16.79
ZN ZN B . -4.29 5.64 -6.15
ZN ZN C . -1.06 0.92 8.60
N LYS A 1 5.27 -4.47 10.57
CA LYS A 1 4.62 -3.24 10.99
C LYS A 1 4.27 -2.35 9.81
N CYS A 2 3.11 -1.69 9.90
CA CYS A 2 2.72 -0.65 8.97
C CYS A 2 3.62 0.55 9.18
N PRO A 3 4.45 0.89 8.17
CA PRO A 3 5.39 2.00 8.27
C PRO A 3 4.70 3.36 8.18
N ARG A 4 3.39 3.33 8.01
CA ARG A 4 2.60 4.55 7.97
C ARG A 4 2.18 4.93 9.38
N CYS A 5 1.74 3.93 10.14
CA CYS A 5 1.23 4.16 11.47
C CYS A 5 2.25 3.74 12.54
N GLY A 6 3.26 2.99 12.11
CA GLY A 6 4.24 2.48 13.02
C GLY A 6 3.66 1.42 13.93
N LYS A 7 2.75 0.61 13.37
CA LYS A 7 2.00 -0.36 14.18
C LYS A 7 2.03 -1.74 13.54
N SER A 8 2.25 -2.75 14.37
CA SER A 8 2.34 -4.13 13.92
C SER A 8 1.06 -4.59 13.25
N VAL A 9 1.19 -5.29 12.12
CA VAL A 9 0.02 -5.74 11.37
C VAL A 9 -0.05 -7.26 11.32
N TYR A 10 -1.19 -7.78 11.76
CA TYR A 10 -1.46 -9.21 11.75
C TYR A 10 -1.74 -9.68 10.31
N ALA A 11 -1.69 -10.99 10.11
CA ALA A 11 -1.72 -11.58 8.77
C ALA A 11 -3.08 -11.49 8.08
N ALA A 12 -4.13 -11.23 8.85
CA ALA A 12 -5.49 -11.18 8.29
C ALA A 12 -5.77 -9.84 7.59
N GLU A 13 -4.94 -8.84 7.86
CA GLU A 13 -5.05 -7.55 7.19
C GLU A 13 -3.77 -7.28 6.42
N LYS A 14 -2.87 -8.26 6.49
CA LYS A 14 -1.54 -8.13 5.94
C LYS A 14 -1.53 -8.06 4.41
N VAL A 15 -1.52 -6.85 3.90
CA VAL A 15 -1.27 -6.62 2.49
C VAL A 15 0.23 -6.36 2.31
N MET A 16 0.93 -7.39 1.85
CA MET A 16 2.39 -7.40 1.81
C MET A 16 2.95 -6.42 0.78
N GLY A 17 3.20 -5.19 1.20
CA GLY A 17 3.92 -4.27 0.35
C GLY A 17 5.41 -4.31 0.63
N GLY A 18 6.16 -4.90 -0.29
CA GLY A 18 7.61 -4.93 -0.16
C GLY A 18 8.08 -5.87 0.92
N GLY A 19 7.23 -6.82 1.28
CA GLY A 19 7.59 -7.78 2.31
C GLY A 19 7.11 -7.38 3.69
N LYS A 20 6.29 -6.34 3.76
CA LYS A 20 5.77 -5.88 5.05
C LYS A 20 4.25 -5.93 5.08
N PRO A 21 3.68 -6.40 6.19
CA PRO A 21 2.25 -6.26 6.47
C PRO A 21 1.84 -4.80 6.58
N TRP A 22 1.10 -4.33 5.61
CA TRP A 22 0.54 -3.00 5.65
C TRP A 22 -0.91 -3.10 6.12
N HIS A 23 -1.44 -2.02 6.66
CA HIS A 23 -2.87 -1.98 6.98
C HIS A 23 -3.66 -1.93 5.68
N LYS A 24 -4.83 -2.54 5.71
CA LYS A 24 -5.70 -2.61 4.55
C LYS A 24 -6.05 -1.21 4.05
N THR A 25 -5.97 -0.25 4.95
CA THR A 25 -6.30 1.12 4.63
C THR A 25 -5.06 1.94 4.23
N CYS A 26 -3.88 1.45 4.58
CA CYS A 26 -2.66 2.23 4.39
C CYS A 26 -1.87 1.78 3.18
N PHE A 27 -2.06 0.53 2.79
CA PHE A 27 -1.50 0.03 1.55
C PHE A 27 -2.30 0.61 0.40
N ARG A 28 -2.15 1.91 0.22
CA ARG A 28 -3.00 2.67 -0.67
C ARG A 28 -2.20 3.74 -1.37
N CYS A 29 -2.81 4.39 -2.34
CA CYS A 29 -2.15 5.49 -3.01
C CYS A 29 -2.77 6.81 -2.58
N ALA A 30 -1.88 7.79 -2.38
CA ALA A 30 -2.27 9.13 -1.97
C ALA A 30 -2.89 9.92 -3.12
N ILE A 31 -2.79 9.40 -4.33
CA ILE A 31 -3.30 10.12 -5.50
C ILE A 31 -4.82 10.16 -5.48
N CYS A 32 -5.45 9.04 -5.16
CA CYS A 32 -6.89 9.00 -5.12
C CYS A 32 -7.36 8.85 -3.67
N GLY A 33 -6.44 8.41 -2.81
CA GLY A 33 -6.76 8.19 -1.43
C GLY A 33 -7.43 6.84 -1.22
N LYS A 34 -7.17 5.93 -2.15
CA LYS A 34 -7.88 4.66 -2.17
C LYS A 34 -7.02 3.53 -1.66
N SER A 35 -7.57 2.75 -0.73
CA SER A 35 -6.88 1.62 -0.15
C SER A 35 -6.86 0.45 -1.13
N LEU A 36 -5.71 -0.19 -1.26
CA LEU A 36 -5.53 -1.24 -2.26
C LEU A 36 -5.43 -2.61 -1.63
N GLU A 37 -5.34 -3.61 -2.48
CA GLU A 37 -5.11 -4.97 -2.06
C GLU A 37 -3.98 -5.52 -2.92
N SER A 38 -3.06 -6.26 -2.30
CA SER A 38 -1.80 -6.63 -2.94
C SER A 38 -2.03 -7.55 -4.16
N THR A 39 -2.11 -6.92 -5.33
CA THR A 39 -2.20 -7.65 -6.59
C THR A 39 -2.06 -6.67 -7.77
N ASN A 40 -2.57 -5.45 -7.60
CA ASN A 40 -2.45 -4.43 -8.63
C ASN A 40 -1.76 -3.19 -8.06
N VAL A 41 -0.96 -3.40 -7.02
CA VAL A 41 -0.34 -2.30 -6.30
C VAL A 41 1.10 -2.09 -6.77
N THR A 42 1.51 -0.84 -6.87
CA THR A 42 2.88 -0.50 -7.25
C THR A 42 3.52 0.36 -6.17
N ASP A 43 4.85 0.31 -6.08
CA ASP A 43 5.58 1.02 -5.04
C ASP A 43 6.51 2.07 -5.64
N LYS A 44 6.66 3.19 -4.93
CA LYS A 44 7.58 4.26 -5.33
C LYS A 44 8.10 5.01 -4.13
N ASP A 45 9.27 4.59 -3.65
CA ASP A 45 10.03 5.32 -2.63
C ASP A 45 9.23 5.52 -1.34
N GLY A 46 8.54 4.48 -0.92
CA GLY A 46 7.79 4.54 0.32
C GLY A 46 6.32 4.81 0.10
N GLU A 47 6.02 5.42 -1.04
CA GLU A 47 4.63 5.70 -1.40
C GLU A 47 4.11 4.56 -2.28
N LEU A 48 2.80 4.35 -2.25
CA LEU A 48 2.19 3.32 -3.05
C LEU A 48 1.27 3.94 -4.09
N TYR A 49 1.05 3.25 -5.18
CA TYR A 49 0.17 3.73 -6.23
C TYR A 49 -0.68 2.60 -6.79
N CYS A 50 -1.95 2.90 -7.03
CA CYS A 50 -2.83 1.96 -7.69
C CYS A 50 -2.40 1.77 -9.14
N LYS A 51 -2.78 0.65 -9.74
CA LYS A 51 -2.39 0.37 -11.12
C LYS A 51 -2.86 1.49 -12.06
N VAL A 52 -3.99 2.09 -11.74
CA VAL A 52 -4.56 3.17 -12.54
C VAL A 52 -3.84 4.49 -12.29
N CYS A 53 -3.65 4.82 -11.03
CA CYS A 53 -3.00 6.06 -10.63
C CYS A 53 -1.51 6.04 -10.96
N TYR A 54 -0.92 4.84 -10.94
CA TYR A 54 0.49 4.68 -11.27
C TYR A 54 0.76 5.05 -12.72
N ALA A 55 -0.25 4.86 -13.56
CA ALA A 55 -0.13 5.19 -14.98
C ALA A 55 0.13 6.68 -15.18
N LYS A 56 -0.26 7.47 -14.20
CA LYS A 56 -0.08 8.92 -14.25
C LYS A 56 1.37 9.31 -14.03
N ASN A 57 1.97 8.81 -12.96
CA ASN A 57 3.36 9.14 -12.64
C ASN A 57 4.35 8.22 -13.33
N PHE A 58 4.06 6.91 -13.25
CA PHE A 58 4.84 5.79 -13.84
C PHE A 58 6.32 5.73 -13.41
ZN ZN B . -4.95 5.52 -6.35
ZN ZN C . -1.45 1.83 8.95
N LYS A 1 5.36 -4.51 11.28
CA LYS A 1 4.65 -3.27 11.50
C LYS A 1 4.25 -2.59 10.19
N CYS A 2 3.20 -1.79 10.28
CA CYS A 2 2.83 -0.86 9.24
C CYS A 2 3.54 0.47 9.49
N PRO A 3 4.51 0.81 8.63
CA PRO A 3 5.27 2.06 8.75
C PRO A 3 4.44 3.28 8.36
N ARG A 4 3.23 3.03 7.89
CA ARG A 4 2.33 4.10 7.49
C ARG A 4 1.67 4.70 8.72
N CYS A 5 0.99 3.85 9.47
CA CYS A 5 0.28 4.30 10.66
C CYS A 5 1.18 4.24 11.89
N GLY A 6 2.10 3.28 11.88
CA GLY A 6 2.97 3.07 13.02
C GLY A 6 2.38 2.07 14.00
N LYS A 7 1.81 1.01 13.45
CA LYS A 7 1.11 0.01 14.25
C LYS A 7 1.55 -1.39 13.83
N SER A 8 1.26 -2.39 14.66
CA SER A 8 1.67 -3.75 14.36
C SER A 8 0.63 -4.44 13.46
N VAL A 9 1.11 -5.15 12.44
CA VAL A 9 0.24 -5.85 11.51
C VAL A 9 0.65 -7.31 11.45
N TYR A 10 -0.30 -8.21 11.64
CA TYR A 10 0.04 -9.63 11.58
C TYR A 10 -0.71 -10.31 10.44
N ALA A 11 -0.48 -11.62 10.30
CA ALA A 11 -0.85 -12.40 9.13
C ALA A 11 -2.30 -12.21 8.68
N ALA A 12 -3.21 -12.00 9.62
CA ALA A 12 -4.63 -11.87 9.30
C ALA A 12 -4.88 -10.78 8.26
N GLU A 13 -4.32 -9.60 8.50
CA GLU A 13 -4.54 -8.46 7.61
C GLU A 13 -3.24 -8.04 6.94
N LYS A 14 -2.20 -8.85 7.11
CA LYS A 14 -0.88 -8.56 6.55
C LYS A 14 -0.92 -8.55 5.02
N VAL A 15 -0.90 -7.36 4.44
CA VAL A 15 -0.67 -7.19 3.01
C VAL A 15 0.73 -6.66 2.78
N MET A 16 1.39 -7.16 1.76
CA MET A 16 2.79 -6.83 1.54
C MET A 16 2.98 -5.48 0.85
N GLY A 17 2.96 -4.42 1.63
CA GLY A 17 3.27 -3.11 1.12
C GLY A 17 4.76 -2.88 1.06
N GLY A 18 5.36 -3.17 -0.09
CA GLY A 18 6.79 -3.02 -0.25
C GLY A 18 7.55 -4.09 0.50
N GLY A 19 6.85 -5.16 0.88
CA GLY A 19 7.48 -6.24 1.62
C GLY A 19 7.10 -6.25 3.08
N LYS A 20 6.51 -5.15 3.55
CA LYS A 20 6.11 -5.03 4.94
C LYS A 20 4.60 -5.14 5.08
N PRO A 21 4.11 -5.84 6.11
CA PRO A 21 2.69 -5.91 6.44
C PRO A 21 2.05 -4.55 6.66
N TRP A 22 1.17 -4.16 5.76
CA TRP A 22 0.40 -2.94 5.91
C TRP A 22 -1.04 -3.29 6.26
N HIS A 23 -1.83 -2.28 6.59
CA HIS A 23 -3.24 -2.48 6.90
C HIS A 23 -4.05 -2.35 5.63
N LYS A 24 -4.96 -3.28 5.41
CA LYS A 24 -5.80 -3.31 4.22
C LYS A 24 -6.61 -2.02 4.07
N THR A 25 -6.74 -1.28 5.17
CA THR A 25 -7.52 -0.07 5.18
C THR A 25 -6.65 1.18 4.94
N CYS A 26 -5.34 1.03 5.07
CA CYS A 26 -4.43 2.17 4.93
C CYS A 26 -3.48 1.96 3.75
N PHE A 27 -3.33 0.70 3.36
CA PHE A 27 -2.55 0.31 2.19
C PHE A 27 -3.13 0.98 0.96
N ARG A 28 -2.75 2.23 0.78
CA ARG A 28 -3.37 3.09 -0.21
C ARG A 28 -2.32 3.96 -0.86
N CYS A 29 -2.57 4.38 -2.07
CA CYS A 29 -1.73 5.37 -2.69
C CYS A 29 -2.30 6.74 -2.39
N ALA A 30 -1.39 7.67 -2.11
CA ALA A 30 -1.74 9.02 -1.71
C ALA A 30 -2.22 9.86 -2.88
N ILE A 31 -2.03 9.37 -4.10
CA ILE A 31 -2.43 10.11 -5.29
C ILE A 31 -3.95 10.24 -5.34
N CYS A 32 -4.64 9.18 -4.92
CA CYS A 32 -6.08 9.17 -4.98
C CYS A 32 -6.66 9.03 -3.57
N GLY A 33 -5.90 8.34 -2.72
CA GLY A 33 -6.41 7.95 -1.42
C GLY A 33 -7.22 6.69 -1.52
N LYS A 34 -6.76 5.76 -2.34
CA LYS A 34 -7.50 4.52 -2.55
C LYS A 34 -6.71 3.31 -2.08
N SER A 35 -7.41 2.38 -1.46
CA SER A 35 -6.79 1.17 -0.94
C SER A 35 -6.34 0.25 -2.08
N LEU A 36 -5.13 -0.25 -1.96
CA LEU A 36 -4.59 -1.20 -2.92
C LEU A 36 -5.15 -2.59 -2.63
N GLU A 37 -6.17 -2.96 -3.37
CA GLU A 37 -6.91 -4.20 -3.15
C GLU A 37 -6.17 -5.40 -3.73
N SER A 38 -4.87 -5.48 -3.42
CA SER A 38 -4.01 -6.61 -3.80
C SER A 38 -3.70 -6.63 -5.31
N THR A 39 -4.61 -6.14 -6.13
CA THR A 39 -4.47 -6.20 -7.57
C THR A 39 -3.79 -4.94 -8.14
N ASN A 40 -3.81 -3.86 -7.38
CA ASN A 40 -3.22 -2.61 -7.84
C ASN A 40 -2.04 -2.19 -6.94
N VAL A 41 -1.15 -3.12 -6.67
CA VAL A 41 -0.03 -2.85 -5.79
C VAL A 41 1.23 -2.47 -6.58
N THR A 42 1.69 -1.25 -6.39
CA THR A 42 2.93 -0.80 -7.00
C THR A 42 3.72 0.07 -6.01
N ASP A 43 5.04 -0.10 -5.99
CA ASP A 43 5.89 0.66 -5.07
C ASP A 43 6.86 1.56 -5.84
N LYS A 44 7.08 2.74 -5.31
CA LYS A 44 8.12 3.63 -5.83
C LYS A 44 8.97 4.16 -4.68
N ASP A 45 10.18 3.61 -4.58
CA ASP A 45 11.18 4.01 -3.56
C ASP A 45 10.60 4.12 -2.15
N GLY A 46 9.64 3.25 -1.82
CA GLY A 46 9.12 3.21 -0.47
C GLY A 46 7.67 3.64 -0.36
N GLU A 47 7.16 4.34 -1.37
CA GLU A 47 5.77 4.79 -1.34
C GLU A 47 4.90 3.90 -2.22
N LEU A 48 3.66 3.71 -1.82
CA LEU A 48 2.74 2.84 -2.52
C LEU A 48 1.86 3.63 -3.48
N TYR A 49 1.64 3.06 -4.66
CA TYR A 49 0.78 3.66 -5.66
C TYR A 49 -0.06 2.58 -6.34
N CYS A 50 -1.29 2.92 -6.70
CA CYS A 50 -2.14 2.00 -7.44
C CYS A 50 -1.63 1.82 -8.85
N LYS A 51 -1.96 0.70 -9.48
CA LYS A 51 -1.58 0.46 -10.87
C LYS A 51 -2.09 1.59 -11.76
N VAL A 52 -3.33 2.01 -11.49
CA VAL A 52 -3.98 3.05 -12.28
C VAL A 52 -3.29 4.40 -12.09
N CYS A 53 -3.04 4.75 -10.84
CA CYS A 53 -2.43 6.03 -10.51
C CYS A 53 -0.96 6.07 -10.96
N TYR A 54 -0.29 4.93 -10.87
CA TYR A 54 1.08 4.82 -11.34
C TYR A 54 1.11 5.01 -12.85
N ALA A 55 0.07 4.55 -13.52
CA ALA A 55 -0.09 4.71 -14.96
C ALA A 55 -0.34 6.17 -15.31
N LYS A 56 -0.88 6.92 -14.35
CA LYS A 56 -1.15 8.33 -14.53
C LYS A 56 0.10 9.17 -14.27
N ASN A 57 1.04 8.57 -13.54
CA ASN A 57 2.30 9.23 -13.19
C ASN A 57 3.38 8.88 -14.19
N PHE A 58 3.59 7.57 -14.38
CA PHE A 58 4.60 7.02 -15.30
C PHE A 58 5.89 7.82 -15.32
ZN ZN B . -4.22 5.54 -6.18
ZN ZN C . -1.54 1.07 8.51
N LYS A 1 5.33 -5.41 10.54
CA LYS A 1 4.88 -4.11 11.03
C LYS A 1 4.67 -3.13 9.89
N CYS A 2 3.66 -2.28 10.05
CA CYS A 2 3.38 -1.24 9.07
C CYS A 2 4.24 -0.01 9.33
N PRO A 3 5.13 0.32 8.39
CA PRO A 3 6.02 1.48 8.50
C PRO A 3 5.28 2.80 8.25
N ARG A 4 4.04 2.70 7.80
CA ARG A 4 3.24 3.89 7.50
C ARG A 4 2.68 4.46 8.80
N CYS A 5 1.98 3.61 9.54
CA CYS A 5 1.34 4.03 10.76
C CYS A 5 2.26 3.80 11.97
N GLY A 6 3.25 2.93 11.78
CA GLY A 6 4.16 2.58 12.85
C GLY A 6 3.55 1.54 13.78
N LYS A 7 2.71 0.70 13.22
CA LYS A 7 1.93 -0.25 13.99
C LYS A 7 2.04 -1.65 13.40
N SER A 8 2.17 -2.64 14.26
CA SER A 8 2.30 -4.03 13.82
C SER A 8 1.08 -4.48 13.01
N VAL A 9 1.31 -5.42 12.09
CA VAL A 9 0.22 -5.97 11.28
C VAL A 9 0.31 -7.48 11.28
N TYR A 10 -0.82 -8.15 11.39
CA TYR A 10 -0.81 -9.60 11.33
C TYR A 10 -1.78 -10.11 10.25
N ALA A 11 -2.04 -11.41 10.25
CA ALA A 11 -2.77 -12.08 9.16
C ALA A 11 -4.08 -11.40 8.78
N ALA A 12 -4.79 -10.88 9.78
CA ALA A 12 -6.13 -10.32 9.57
C ALA A 12 -6.15 -9.26 8.47
N GLU A 13 -5.16 -8.38 8.46
CA GLU A 13 -5.11 -7.32 7.47
C GLU A 13 -3.79 -7.33 6.70
N LYS A 14 -3.04 -8.43 6.78
CA LYS A 14 -1.74 -8.50 6.12
C LYS A 14 -1.85 -8.39 4.61
N VAL A 15 -1.78 -7.17 4.12
CA VAL A 15 -1.61 -6.89 2.70
C VAL A 15 -0.15 -6.58 2.43
N MET A 16 0.45 -7.30 1.51
CA MET A 16 1.89 -7.30 1.38
C MET A 16 2.40 -6.20 0.45
N GLY A 17 2.65 -5.02 1.02
CA GLY A 17 3.36 -3.99 0.30
C GLY A 17 4.85 -4.13 0.49
N GLY A 18 5.57 -4.46 -0.57
CA GLY A 18 7.00 -4.64 -0.48
C GLY A 18 7.36 -5.88 0.32
N GLY A 19 6.46 -6.87 0.33
CA GLY A 19 6.72 -8.10 1.05
C GLY A 19 6.47 -7.97 2.54
N LYS A 20 5.80 -6.91 2.95
CA LYS A 20 5.50 -6.68 4.36
C LYS A 20 4.03 -6.42 4.56
N PRO A 21 3.46 -6.88 5.69
CA PRO A 21 2.07 -6.61 6.06
C PRO A 21 1.80 -5.13 6.33
N TRP A 22 0.85 -4.60 5.58
CA TRP A 22 0.34 -3.25 5.81
C TRP A 22 -1.11 -3.36 6.29
N HIS A 23 -1.75 -2.22 6.58
CA HIS A 23 -3.12 -2.24 7.07
C HIS A 23 -4.08 -1.96 5.91
N LYS A 24 -5.18 -2.68 5.86
CA LYS A 24 -6.15 -2.53 4.77
C LYS A 24 -6.75 -1.13 4.76
N THR A 25 -6.61 -0.41 5.86
CA THR A 25 -7.14 0.94 5.99
C THR A 25 -6.12 2.01 5.62
N CYS A 26 -4.86 1.63 5.47
CA CYS A 26 -3.81 2.60 5.16
C CYS A 26 -3.12 2.24 3.85
N PHE A 27 -3.18 0.96 3.50
CA PHE A 27 -2.61 0.45 2.27
C PHE A 27 -3.38 0.98 1.08
N ARG A 28 -3.14 2.23 0.77
CA ARG A 28 -3.84 2.92 -0.29
C ARG A 28 -3.02 4.10 -0.76
N CYS A 29 -3.14 4.44 -2.04
CA CYS A 29 -2.36 5.53 -2.58
C CYS A 29 -3.06 6.84 -2.29
N ALA A 30 -2.24 7.84 -1.94
CA ALA A 30 -2.70 9.17 -1.57
C ALA A 30 -3.13 9.98 -2.79
N ILE A 31 -2.92 9.46 -3.99
CA ILE A 31 -3.35 10.17 -5.19
C ILE A 31 -4.86 10.16 -5.30
N CYS A 32 -5.45 9.00 -5.09
CA CYS A 32 -6.88 8.87 -5.21
C CYS A 32 -7.50 8.68 -3.83
N GLY A 33 -6.70 8.17 -2.92
CA GLY A 33 -7.16 7.84 -1.60
C GLY A 33 -7.79 6.47 -1.56
N LYS A 34 -7.40 5.62 -2.49
CA LYS A 34 -8.09 4.34 -2.70
C LYS A 34 -7.21 3.16 -2.31
N SER A 35 -7.83 2.19 -1.65
CA SER A 35 -7.15 1.03 -1.10
C SER A 35 -6.49 0.18 -2.18
N LEU A 36 -5.26 -0.21 -1.91
CA LEU A 36 -4.47 -1.00 -2.83
C LEU A 36 -4.77 -2.48 -2.67
N GLU A 37 -4.84 -3.19 -3.79
CA GLU A 37 -4.91 -4.64 -3.75
C GLU A 37 -3.47 -5.16 -3.70
N SER A 38 -3.27 -6.34 -3.12
CA SER A 38 -1.93 -6.84 -2.84
C SER A 38 -1.16 -7.17 -4.12
N THR A 39 -1.83 -7.08 -5.26
CA THR A 39 -1.16 -7.26 -6.56
C THR A 39 -1.17 -5.95 -7.34
N ASN A 40 -1.85 -4.94 -6.81
CA ASN A 40 -2.00 -3.66 -7.49
C ASN A 40 -1.23 -2.57 -6.77
N VAL A 41 -0.22 -2.97 -6.01
CA VAL A 41 0.58 -2.03 -5.24
C VAL A 41 1.92 -1.78 -5.89
N THR A 42 2.21 -0.52 -6.13
CA THR A 42 3.51 -0.13 -6.62
C THR A 42 4.03 1.06 -5.83
N ASP A 43 5.19 0.91 -5.21
CA ASP A 43 5.76 2.00 -4.43
C ASP A 43 6.70 2.84 -5.29
N LYS A 44 6.77 4.11 -4.97
CA LYS A 44 7.68 5.02 -5.64
C LYS A 44 8.54 5.72 -4.61
N ASP A 45 9.68 5.08 -4.30
CA ASP A 45 10.65 5.62 -3.36
C ASP A 45 10.07 5.77 -1.97
N GLY A 46 9.16 4.87 -1.61
CA GLY A 46 8.60 4.87 -0.28
C GLY A 46 7.11 5.22 -0.25
N GLU A 47 6.65 5.98 -1.25
CA GLU A 47 5.25 6.37 -1.29
C GLU A 47 4.45 5.36 -2.11
N LEU A 48 3.27 5.00 -1.61
CA LEU A 48 2.47 3.95 -2.23
C LEU A 48 1.53 4.52 -3.27
N TYR A 49 1.45 3.86 -4.41
CA TYR A 49 0.56 4.26 -5.49
C TYR A 49 -0.10 3.04 -6.11
N CYS A 50 -1.32 3.22 -6.62
CA CYS A 50 -2.05 2.12 -7.24
C CYS A 50 -1.49 1.79 -8.61
N LYS A 51 -1.83 0.61 -9.11
CA LYS A 51 -1.43 0.19 -10.45
C LYS A 51 -1.84 1.26 -11.47
N VAL A 52 -3.07 1.74 -11.36
CA VAL A 52 -3.60 2.72 -12.30
C VAL A 52 -3.01 4.11 -12.06
N CYS A 53 -2.96 4.52 -10.79
CA CYS A 53 -2.45 5.84 -10.44
C CYS A 53 -0.96 5.95 -10.79
N TYR A 54 -0.23 4.86 -10.65
CA TYR A 54 1.17 4.81 -11.02
C TYR A 54 1.31 4.94 -12.53
N ALA A 55 0.36 4.34 -13.25
CA ALA A 55 0.35 4.40 -14.70
C ALA A 55 0.00 5.80 -15.20
N LYS A 56 -0.72 6.55 -14.37
CA LYS A 56 -1.05 7.94 -14.70
C LYS A 56 0.21 8.80 -14.66
N ASN A 57 1.21 8.33 -13.91
CA ASN A 57 2.49 9.02 -13.81
C ASN A 57 3.48 8.46 -14.82
N PHE A 58 3.67 7.14 -14.80
CA PHE A 58 4.62 6.48 -15.68
C PHE A 58 3.92 5.48 -16.59
ZN ZN B . -4.61 5.45 -6.24
ZN ZN C . -0.83 1.08 8.52
N LYS A 1 6.57 -3.79 10.23
CA LYS A 1 5.81 -2.66 10.74
C LYS A 1 5.44 -1.73 9.59
N CYS A 2 4.21 -1.25 9.62
CA CYS A 2 3.73 -0.29 8.63
C CYS A 2 4.34 1.07 8.87
N PRO A 3 5.11 1.58 7.90
CA PRO A 3 5.74 2.89 7.98
C PRO A 3 4.74 4.02 7.73
N ARG A 4 3.52 3.63 7.35
CA ARG A 4 2.48 4.59 7.04
C ARG A 4 1.73 5.00 8.29
N CYS A 5 1.23 4.01 9.03
CA CYS A 5 0.48 4.28 10.25
C CYS A 5 1.41 4.27 11.46
N GLY A 6 2.57 3.66 11.30
CA GLY A 6 3.52 3.53 12.40
C GLY A 6 3.10 2.43 13.34
N LYS A 7 2.59 1.34 12.78
CA LYS A 7 2.04 0.25 13.59
C LYS A 7 2.55 -1.10 13.09
N SER A 8 2.83 -2.00 14.02
CA SER A 8 3.22 -3.35 13.67
C SER A 8 2.01 -4.12 13.13
N VAL A 9 2.22 -4.90 12.08
CA VAL A 9 1.14 -5.61 11.43
C VAL A 9 1.41 -7.11 11.42
N TYR A 10 0.36 -7.91 11.52
CA TYR A 10 0.51 -9.36 11.46
C TYR A 10 -0.45 -9.94 10.42
N ALA A 11 -0.40 -11.26 10.23
CA ALA A 11 -1.05 -11.96 9.10
C ALA A 11 -2.50 -11.53 8.87
N ALA A 12 -3.28 -11.43 9.94
CA ALA A 12 -4.71 -11.10 9.83
C ALA A 12 -4.95 -9.75 9.15
N GLU A 13 -3.93 -8.91 9.11
CA GLU A 13 -4.04 -7.60 8.48
C GLU A 13 -2.87 -7.40 7.51
N LYS A 14 -2.09 -8.46 7.31
CA LYS A 14 -0.82 -8.36 6.59
C LYS A 14 -1.02 -8.33 5.08
N VAL A 15 -0.94 -7.14 4.52
CA VAL A 15 -0.81 -6.94 3.09
C VAL A 15 0.55 -6.30 2.82
N MET A 16 1.51 -7.13 2.45
CA MET A 16 2.90 -6.70 2.45
C MET A 16 3.26 -5.84 1.24
N GLY A 17 3.52 -4.57 1.49
CA GLY A 17 4.10 -3.72 0.49
C GLY A 17 5.61 -3.68 0.64
N GLY A 18 6.33 -4.04 -0.42
CA GLY A 18 7.78 -4.10 -0.35
C GLY A 18 8.24 -5.31 0.45
N GLY A 19 7.31 -6.21 0.74
CA GLY A 19 7.64 -7.41 1.49
C GLY A 19 7.35 -7.25 2.97
N LYS A 20 6.94 -6.07 3.38
CA LYS A 20 6.61 -5.81 4.78
C LYS A 20 5.13 -5.51 4.93
N PRO A 21 4.46 -6.16 5.89
CA PRO A 21 3.02 -6.02 6.12
C PRO A 21 2.55 -4.59 6.34
N TRP A 22 1.64 -4.16 5.48
CA TRP A 22 0.91 -2.92 5.67
C TRP A 22 -0.48 -3.28 6.18
N HIS A 23 -1.35 -2.30 6.32
CA HIS A 23 -2.71 -2.56 6.77
C HIS A 23 -3.62 -2.61 5.56
N LYS A 24 -4.64 -3.47 5.60
CA LYS A 24 -5.63 -3.51 4.54
C LYS A 24 -6.46 -2.23 4.61
N THR A 25 -6.46 -1.61 5.78
CA THR A 25 -7.12 -0.33 5.98
C THR A 25 -6.35 0.80 5.29
N CYS A 26 -5.02 0.77 5.39
CA CYS A 26 -4.19 1.79 4.77
C CYS A 26 -3.68 1.31 3.42
N PHE A 27 -4.21 0.17 2.98
CA PHE A 27 -3.84 -0.38 1.69
C PHE A 27 -4.52 0.41 0.59
N ARG A 28 -4.26 1.69 0.64
CA ARG A 28 -4.84 2.63 -0.28
C ARG A 28 -3.77 3.64 -0.65
N CYS A 29 -3.58 3.83 -1.93
CA CYS A 29 -2.57 4.73 -2.41
C CYS A 29 -2.90 6.15 -1.97
N ALA A 30 -1.85 6.87 -1.59
CA ALA A 30 -1.99 8.21 -1.04
C ALA A 30 -2.34 9.25 -2.10
N ILE A 31 -2.26 8.86 -3.38
CA ILE A 31 -2.52 9.81 -4.46
C ILE A 31 -4.01 9.85 -4.79
N CYS A 32 -4.64 8.69 -4.88
CA CYS A 32 -6.07 8.64 -5.16
C CYS A 32 -6.83 8.61 -3.85
N GLY A 33 -6.12 8.22 -2.79
CA GLY A 33 -6.75 7.96 -1.53
C GLY A 33 -7.59 6.72 -1.63
N LYS A 34 -7.24 5.86 -2.58
CA LYS A 34 -8.11 4.78 -2.98
C LYS A 34 -7.61 3.44 -2.48
N SER A 35 -8.52 2.69 -1.88
CA SER A 35 -8.20 1.37 -1.38
C SER A 35 -7.94 0.43 -2.55
N LEU A 36 -6.88 -0.36 -2.43
CA LEU A 36 -6.53 -1.30 -3.47
C LEU A 36 -7.40 -2.54 -3.38
N GLU A 37 -8.15 -2.77 -4.44
CA GLU A 37 -9.21 -3.78 -4.46
C GLU A 37 -8.75 -5.02 -5.20
N SER A 38 -7.64 -4.91 -5.90
CA SER A 38 -7.08 -6.02 -6.65
C SER A 38 -5.57 -5.96 -6.58
N THR A 39 -4.90 -6.93 -7.21
CA THR A 39 -3.45 -7.01 -7.15
C THR A 39 -2.78 -5.99 -8.08
N ASN A 40 -3.23 -4.74 -7.99
CA ASN A 40 -2.61 -3.66 -8.73
C ASN A 40 -1.78 -2.81 -7.77
N VAL A 41 -1.20 -3.49 -6.80
CA VAL A 41 -0.41 -2.85 -5.77
C VAL A 41 0.98 -2.53 -6.29
N THR A 42 1.34 -1.26 -6.25
CA THR A 42 2.66 -0.84 -6.70
C THR A 42 3.27 0.13 -5.69
N ASP A 43 4.39 -0.26 -5.08
CA ASP A 43 5.08 0.60 -4.13
C ASP A 43 6.29 1.23 -4.80
N LYS A 44 6.73 2.37 -4.27
CA LYS A 44 7.89 3.06 -4.82
C LYS A 44 8.46 4.03 -3.79
N ASP A 45 9.61 3.66 -3.24
CA ASP A 45 10.36 4.52 -2.33
C ASP A 45 9.51 4.91 -1.12
N GLY A 46 8.98 3.92 -0.43
CA GLY A 46 8.20 4.17 0.76
C GLY A 46 6.74 4.48 0.45
N GLU A 47 6.48 4.96 -0.75
CA GLU A 47 5.13 5.30 -1.16
C GLU A 47 4.35 4.08 -1.58
N LEU A 48 3.10 4.32 -1.92
CA LEU A 48 2.17 3.26 -2.27
C LEU A 48 1.18 3.80 -3.29
N TYR A 49 1.00 3.09 -4.39
CA TYR A 49 0.17 3.55 -5.49
C TYR A 49 -0.76 2.44 -5.97
N CYS A 50 -1.72 2.82 -6.82
CA CYS A 50 -2.55 1.85 -7.52
C CYS A 50 -1.91 1.56 -8.87
N LYS A 51 -2.60 0.81 -9.72
CA LYS A 51 -2.15 0.57 -11.07
C LYS A 51 -2.19 1.86 -11.91
N VAL A 52 -3.28 2.61 -11.76
CA VAL A 52 -3.56 3.73 -12.66
C VAL A 52 -2.65 4.93 -12.41
N CYS A 53 -2.51 5.32 -11.15
CA CYS A 53 -1.72 6.49 -10.79
C CYS A 53 -0.24 6.22 -11.02
N TYR A 54 0.20 5.02 -10.70
CA TYR A 54 1.57 4.59 -10.92
C TYR A 54 1.93 4.69 -12.40
N ALA A 55 1.03 4.27 -13.27
CA ALA A 55 1.28 4.27 -14.70
C ALA A 55 1.22 5.69 -15.28
N LYS A 56 0.48 6.56 -14.62
CA LYS A 56 0.34 7.94 -15.09
C LYS A 56 1.44 8.84 -14.52
N ASN A 57 1.80 8.61 -13.27
CA ASN A 57 2.77 9.46 -12.58
C ASN A 57 4.19 8.91 -12.68
N PHE A 58 4.39 7.67 -12.21
CA PHE A 58 5.71 7.00 -12.20
C PHE A 58 6.88 7.95 -11.93
ZN ZN B . -3.71 5.55 -6.73
ZN ZN C . -0.85 0.97 7.95
N LYS A 1 4.80 -4.43 10.91
CA LYS A 1 4.35 -3.13 11.37
C LYS A 1 4.03 -2.21 10.20
N CYS A 2 2.79 -1.72 10.17
CA CYS A 2 2.37 -0.72 9.20
C CYS A 2 3.04 0.60 9.52
N PRO A 3 3.89 1.11 8.60
CA PRO A 3 4.63 2.35 8.82
C PRO A 3 3.74 3.59 8.72
N ARG A 4 2.50 3.36 8.32
CA ARG A 4 1.54 4.44 8.21
C ARG A 4 1.00 4.77 9.59
N CYS A 5 0.80 3.73 10.39
CA CYS A 5 0.25 3.89 11.72
C CYS A 5 1.31 3.66 12.80
N GLY A 6 2.38 2.98 12.40
CA GLY A 6 3.38 2.55 13.36
C GLY A 6 2.81 1.49 14.27
N LYS A 7 2.05 0.58 13.69
CA LYS A 7 1.26 -0.38 14.44
C LYS A 7 1.46 -1.79 13.89
N SER A 8 1.49 -2.77 14.78
CA SER A 8 1.70 -4.17 14.41
C SER A 8 0.56 -4.69 13.53
N VAL A 9 0.90 -5.63 12.66
CA VAL A 9 -0.07 -6.25 11.76
C VAL A 9 -0.08 -7.77 11.98
N TYR A 10 -1.24 -8.37 11.81
CA TYR A 10 -1.36 -9.82 11.92
C TYR A 10 -1.68 -10.41 10.55
N ALA A 11 -1.61 -11.73 10.43
CA ALA A 11 -1.77 -12.40 9.13
C ALA A 11 -3.11 -12.06 8.45
N ALA A 12 -4.17 -11.98 9.24
CA ALA A 12 -5.53 -11.82 8.71
C ALA A 12 -5.68 -10.61 7.78
N GLU A 13 -5.26 -9.44 8.23
CA GLU A 13 -5.44 -8.21 7.45
C GLU A 13 -4.13 -7.82 6.76
N LYS A 14 -3.20 -8.75 6.76
CA LYS A 14 -1.86 -8.55 6.21
C LYS A 14 -1.86 -8.44 4.68
N VAL A 15 -1.51 -7.26 4.20
CA VAL A 15 -1.21 -7.04 2.80
C VAL A 15 0.29 -6.81 2.62
N MET A 16 0.83 -7.25 1.50
CA MET A 16 2.28 -7.24 1.31
C MET A 16 2.77 -5.91 0.76
N GLY A 17 3.08 -4.99 1.66
CA GLY A 17 3.74 -3.76 1.28
C GLY A 17 5.22 -3.98 1.08
N GLY A 18 5.60 -4.33 -0.15
CA GLY A 18 6.99 -4.63 -0.44
C GLY A 18 7.39 -6.00 0.07
N GLY A 19 7.50 -6.12 1.38
CA GLY A 19 7.82 -7.40 1.98
C GLY A 19 7.32 -7.48 3.41
N LYS A 20 6.48 -6.53 3.80
CA LYS A 20 5.97 -6.46 5.16
C LYS A 20 4.45 -6.33 5.15
N PRO A 21 3.76 -7.00 6.09
CA PRO A 21 2.33 -6.82 6.31
C PRO A 21 1.96 -5.38 6.67
N TRP A 22 1.09 -4.80 5.85
CA TRP A 22 0.51 -3.50 6.13
C TRP A 22 -0.96 -3.67 6.46
N HIS A 23 -1.62 -2.60 6.88
CA HIS A 23 -3.07 -2.61 7.03
C HIS A 23 -3.69 -2.24 5.69
N LYS A 24 -4.71 -2.99 5.29
CA LYS A 24 -5.36 -2.82 3.98
C LYS A 24 -5.85 -1.39 3.75
N THR A 25 -6.11 -0.66 4.83
CA THR A 25 -6.63 0.69 4.73
C THR A 25 -5.53 1.69 4.36
N CYS A 26 -4.43 1.61 5.08
CA CYS A 26 -3.34 2.57 4.93
C CYS A 26 -2.35 2.15 3.86
N PHE A 27 -2.47 0.90 3.43
CA PHE A 27 -1.79 0.41 2.25
C PHE A 27 -2.46 1.03 1.04
N ARG A 28 -2.34 2.35 0.95
CA ARG A 28 -3.09 3.14 0.00
C ARG A 28 -2.15 4.07 -0.73
N CYS A 29 -2.57 4.53 -1.88
CA CYS A 29 -1.82 5.52 -2.62
C CYS A 29 -2.44 6.89 -2.40
N ALA A 30 -1.58 7.85 -2.13
CA ALA A 30 -1.99 9.22 -1.83
C ALA A 30 -2.44 9.97 -3.08
N ILE A 31 -2.30 9.34 -4.24
CA ILE A 31 -2.70 9.98 -5.48
C ILE A 31 -4.22 10.03 -5.58
N CYS A 32 -4.89 8.98 -5.10
CA CYS A 32 -6.33 8.94 -5.14
C CYS A 32 -6.89 8.94 -3.72
N GLY A 33 -6.03 8.61 -2.77
CA GLY A 33 -6.45 8.44 -1.41
C GLY A 33 -7.26 7.18 -1.27
N LYS A 34 -6.87 6.14 -1.99
CA LYS A 34 -7.62 4.89 -1.98
C LYS A 34 -6.74 3.71 -1.62
N SER A 35 -7.33 2.78 -0.87
CA SER A 35 -6.62 1.62 -0.36
C SER A 35 -6.36 0.57 -1.44
N LEU A 36 -5.18 -0.01 -1.41
CA LEU A 36 -4.81 -1.08 -2.31
C LEU A 36 -5.25 -2.42 -1.74
N GLU A 37 -5.84 -3.25 -2.59
CA GLU A 37 -6.38 -4.54 -2.17
C GLU A 37 -5.28 -5.46 -1.66
N SER A 38 -4.24 -5.60 -2.47
CA SER A 38 -3.06 -6.41 -2.17
C SER A 38 -2.26 -6.56 -3.45
N THR A 39 -2.99 -6.60 -4.56
CA THR A 39 -2.39 -6.64 -5.88
C THR A 39 -2.42 -5.25 -6.50
N ASN A 40 -2.01 -5.15 -7.77
CA ASN A 40 -1.91 -3.88 -8.51
C ASN A 40 -1.20 -2.81 -7.68
N VAL A 41 -0.24 -3.26 -6.89
CA VAL A 41 0.56 -2.37 -6.06
C VAL A 41 1.82 -1.98 -6.81
N THR A 42 2.10 -0.70 -6.90
CA THR A 42 3.29 -0.24 -7.59
C THR A 42 4.18 0.56 -6.64
N ASP A 43 5.48 0.27 -6.69
CA ASP A 43 6.46 0.96 -5.86
C ASP A 43 7.13 2.08 -6.65
N LYS A 44 7.23 3.26 -6.05
CA LYS A 44 7.94 4.36 -6.68
C LYS A 44 8.33 5.41 -5.64
N ASP A 45 9.62 5.69 -5.57
CA ASP A 45 10.17 6.70 -4.65
C ASP A 45 9.96 6.28 -3.20
N GLY A 46 9.81 4.97 -2.99
CA GLY A 46 9.57 4.47 -1.66
C GLY A 46 8.14 4.68 -1.22
N GLU A 47 7.28 5.01 -2.17
CA GLU A 47 5.88 5.24 -1.89
C GLU A 47 5.01 4.25 -2.68
N LEU A 48 3.88 3.91 -2.11
CA LEU A 48 2.97 2.95 -2.70
C LEU A 48 1.93 3.65 -3.55
N TYR A 49 1.76 3.18 -4.77
CA TYR A 49 0.77 3.75 -5.68
C TYR A 49 -0.03 2.63 -6.34
N CYS A 50 -1.27 2.91 -6.69
CA CYS A 50 -2.08 1.95 -7.44
C CYS A 50 -1.55 1.83 -8.86
N LYS A 51 -1.72 0.66 -9.47
CA LYS A 51 -1.31 0.45 -10.85
C LYS A 51 -1.98 1.48 -11.77
N VAL A 52 -3.22 1.81 -11.46
CA VAL A 52 -3.99 2.78 -12.25
C VAL A 52 -3.42 4.18 -12.08
N CYS A 53 -3.17 4.57 -10.84
CA CYS A 53 -2.64 5.88 -10.53
C CYS A 53 -1.20 6.04 -11.00
N TYR A 54 -0.45 4.95 -10.96
CA TYR A 54 0.91 4.95 -11.47
C TYR A 54 0.92 5.13 -12.99
N ALA A 55 -0.05 4.51 -13.64
CA ALA A 55 -0.20 4.64 -15.08
C ALA A 55 -0.51 6.08 -15.47
N LYS A 56 -1.09 6.82 -14.53
CA LYS A 56 -1.44 8.21 -14.75
C LYS A 56 -0.20 9.11 -14.73
N ASN A 57 0.78 8.78 -13.90
CA ASN A 57 1.99 9.59 -13.82
C ASN A 57 3.09 9.05 -14.74
N PHE A 58 3.23 7.72 -14.78
CA PHE A 58 4.21 7.03 -15.63
C PHE A 58 5.55 7.76 -15.72
ZN ZN B . -4.34 5.36 -6.14
ZN ZN C . -2.05 1.14 9.22
N LYS A 1 5.29 -3.58 10.75
CA LYS A 1 4.26 -2.63 11.09
C LYS A 1 4.06 -1.58 10.00
N CYS A 2 2.85 -1.04 9.94
CA CYS A 2 2.51 0.04 9.03
C CYS A 2 3.26 1.30 9.48
N PRO A 3 4.24 1.76 8.69
CA PRO A 3 5.08 2.90 9.03
C PRO A 3 4.35 4.23 8.88
N ARG A 4 3.12 4.17 8.41
CA ARG A 4 2.31 5.36 8.21
C ARG A 4 1.51 5.68 9.46
N CYS A 5 1.20 4.63 10.21
CA CYS A 5 0.42 4.78 11.42
C CYS A 5 1.23 4.37 12.65
N GLY A 6 2.36 3.72 12.40
CA GLY A 6 3.22 3.26 13.47
C GLY A 6 2.58 2.14 14.26
N LYS A 7 1.87 1.28 13.57
CA LYS A 7 1.10 0.21 14.23
C LYS A 7 1.47 -1.13 13.64
N SER A 8 1.80 -2.09 14.51
CA SER A 8 2.21 -3.42 14.07
C SER A 8 1.01 -4.22 13.55
N VAL A 9 1.22 -4.88 12.43
CA VAL A 9 0.14 -5.62 11.76
C VAL A 9 0.52 -7.08 11.62
N TYR A 10 -0.44 -7.98 11.81
CA TYR A 10 -0.18 -9.40 11.75
C TYR A 10 -0.90 -10.03 10.55
N ALA A 11 -0.87 -11.37 10.47
CA ALA A 11 -1.31 -12.14 9.29
C ALA A 11 -2.67 -11.71 8.76
N ALA A 12 -3.65 -11.57 9.64
CA ALA A 12 -5.02 -11.26 9.24
C ALA A 12 -5.11 -10.02 8.37
N GLU A 13 -4.33 -9.01 8.70
CA GLU A 13 -4.37 -7.75 7.98
C GLU A 13 -3.06 -7.51 7.24
N LYS A 14 -2.20 -8.52 7.18
CA LYS A 14 -0.87 -8.37 6.59
C LYS A 14 -0.95 -8.22 5.08
N VAL A 15 -0.76 -7.00 4.62
CA VAL A 15 -0.60 -6.71 3.21
C VAL A 15 0.81 -6.16 3.00
N MET A 16 1.66 -6.96 2.38
CA MET A 16 3.09 -6.70 2.37
C MET A 16 3.48 -5.62 1.36
N GLY A 17 3.32 -4.37 1.76
CA GLY A 17 3.79 -3.26 0.96
C GLY A 17 5.30 -3.11 1.09
N GLY A 18 6.02 -3.52 0.06
CA GLY A 18 7.46 -3.41 0.07
C GLY A 18 8.13 -4.40 1.02
N GLY A 19 7.32 -5.30 1.59
CA GLY A 19 7.85 -6.30 2.50
C GLY A 19 7.20 -6.23 3.87
N LYS A 20 6.66 -5.07 4.22
CA LYS A 20 6.06 -4.88 5.53
C LYS A 20 4.55 -5.11 5.45
N PRO A 21 3.96 -5.80 6.44
CA PRO A 21 2.51 -5.85 6.61
C PRO A 21 1.93 -4.48 6.92
N TRP A 22 1.36 -3.85 5.92
CA TRP A 22 0.68 -2.58 6.11
C TRP A 22 -0.75 -2.85 6.56
N HIS A 23 -1.53 -1.80 6.71
CA HIS A 23 -2.93 -1.94 7.07
C HIS A 23 -3.76 -2.22 5.83
N LYS A 24 -4.86 -2.94 6.00
CA LYS A 24 -5.84 -3.07 4.92
C LYS A 24 -6.34 -1.69 4.52
N THR A 25 -6.37 -0.79 5.51
CA THR A 25 -6.77 0.58 5.30
C THR A 25 -5.61 1.41 4.77
N CYS A 26 -4.45 0.78 4.60
CA CYS A 26 -3.26 1.48 4.12
C CYS A 26 -2.62 0.72 2.97
N PHE A 27 -3.29 -0.31 2.49
CA PHE A 27 -2.90 -0.98 1.27
C PHE A 27 -3.43 -0.14 0.12
N ARG A 28 -3.07 1.12 0.16
CA ARG A 28 -3.63 2.13 -0.70
C ARG A 28 -2.54 3.05 -1.18
N CYS A 29 -2.81 3.79 -2.23
CA CYS A 29 -1.91 4.86 -2.60
C CYS A 29 -2.43 6.13 -1.97
N ALA A 30 -1.49 6.92 -1.45
CA ALA A 30 -1.79 8.14 -0.73
C ALA A 30 -2.22 9.27 -1.66
N ILE A 31 -2.06 9.06 -2.96
CA ILE A 31 -2.43 10.10 -3.93
C ILE A 31 -3.93 10.31 -3.94
N CYS A 32 -4.67 9.22 -3.86
CA CYS A 32 -6.11 9.30 -3.89
C CYS A 32 -6.67 8.88 -2.55
N GLY A 33 -5.90 8.07 -1.86
CA GLY A 33 -6.33 7.46 -0.63
C GLY A 33 -7.27 6.31 -0.90
N LYS A 34 -6.96 5.53 -1.94
CA LYS A 34 -7.84 4.44 -2.32
C LYS A 34 -7.12 3.09 -2.30
N SER A 35 -7.87 2.04 -1.98
CA SER A 35 -7.32 0.73 -1.67
C SER A 35 -6.90 -0.05 -2.91
N LEU A 36 -5.91 -0.92 -2.72
CA LEU A 36 -5.42 -1.80 -3.76
C LEU A 36 -5.89 -3.23 -3.47
N GLU A 37 -6.24 -3.94 -4.53
CA GLU A 37 -6.74 -5.31 -4.40
C GLU A 37 -5.62 -6.31 -4.08
N SER A 38 -4.58 -6.30 -4.90
CA SER A 38 -3.43 -7.19 -4.74
C SER A 38 -2.49 -7.06 -5.94
N THR A 39 -3.05 -7.29 -7.13
CA THR A 39 -2.30 -7.18 -8.36
C THR A 39 -2.30 -5.72 -8.83
N ASN A 40 -3.26 -4.96 -8.31
CA ASN A 40 -3.34 -3.53 -8.56
C ASN A 40 -2.31 -2.76 -7.77
N VAL A 41 -1.51 -3.48 -6.99
CA VAL A 41 -0.46 -2.86 -6.20
C VAL A 41 0.77 -2.63 -7.07
N THR A 42 1.14 -1.37 -7.20
CA THR A 42 2.32 -1.00 -7.94
C THR A 42 3.24 -0.15 -7.06
N ASP A 43 4.38 -0.71 -6.67
CA ASP A 43 5.27 0.00 -5.76
C ASP A 43 6.32 0.80 -6.53
N LYS A 44 6.65 1.96 -6.00
CA LYS A 44 7.66 2.83 -6.59
C LYS A 44 8.58 3.33 -5.48
N ASP A 45 9.77 2.72 -5.38
CA ASP A 45 10.78 3.08 -4.38
C ASP A 45 10.34 2.67 -2.98
N GLY A 46 9.42 3.44 -2.41
CA GLY A 46 8.92 3.15 -1.08
C GLY A 46 7.50 3.62 -0.91
N GLU A 47 6.75 3.64 -2.00
CA GLU A 47 5.37 4.08 -1.98
C GLU A 47 4.51 3.13 -2.81
N LEU A 48 3.31 2.84 -2.33
CA LEU A 48 2.36 2.02 -3.07
C LEU A 48 1.44 2.92 -3.87
N TYR A 49 1.20 2.57 -5.12
CA TYR A 49 0.32 3.36 -5.99
C TYR A 49 -0.67 2.46 -6.73
N CYS A 50 -1.86 3.01 -6.98
CA CYS A 50 -2.87 2.33 -7.77
C CYS A 50 -2.53 2.39 -9.25
N LYS A 51 -3.09 1.50 -10.05
CA LYS A 51 -2.88 1.53 -11.49
C LYS A 51 -3.15 2.92 -12.07
N VAL A 52 -4.34 3.46 -11.76
CA VAL A 52 -4.77 4.74 -12.29
C VAL A 52 -3.83 5.87 -11.89
N CYS A 53 -3.50 5.90 -10.61
CA CYS A 53 -2.64 6.93 -10.04
C CYS A 53 -1.19 6.78 -10.52
N TYR A 54 -0.70 5.54 -10.52
CA TYR A 54 0.67 5.24 -10.92
C TYR A 54 0.87 5.51 -12.42
N ALA A 55 -0.20 5.37 -13.19
CA ALA A 55 -0.16 5.60 -14.63
C ALA A 55 0.32 7.02 -14.95
N LYS A 56 -0.02 7.96 -14.07
CA LYS A 56 0.38 9.35 -14.23
C LYS A 56 1.75 9.60 -13.60
N ASN A 57 2.23 8.61 -12.87
CA ASN A 57 3.43 8.74 -12.06
C ASN A 57 4.70 8.22 -12.77
N PHE A 58 4.57 7.14 -13.53
CA PHE A 58 5.75 6.41 -14.02
C PHE A 58 6.35 6.99 -15.30
ZN ZN B . -4.47 5.86 -5.81
ZN ZN C . -1.77 2.19 8.56
N LYS A 1 5.48 -3.09 10.73
CA LYS A 1 4.34 -2.21 10.98
C LYS A 1 4.00 -1.32 9.78
N CYS A 2 2.75 -0.86 9.79
CA CYS A 2 2.26 0.12 8.85
C CYS A 2 2.79 1.49 9.22
N PRO A 3 3.56 2.12 8.32
CA PRO A 3 4.15 3.45 8.56
C PRO A 3 3.11 4.57 8.51
N ARG A 4 1.87 4.22 8.16
CA ARG A 4 0.80 5.21 8.13
C ARG A 4 0.30 5.44 9.54
N CYS A 5 0.11 4.34 10.26
CA CYS A 5 -0.40 4.38 11.62
C CYS A 5 0.73 4.27 12.63
N GLY A 6 1.82 3.66 12.20
CA GLY A 6 2.92 3.35 13.10
C GLY A 6 2.60 2.12 13.93
N LYS A 7 1.77 1.25 13.37
CA LYS A 7 1.26 0.09 14.10
C LYS A 7 1.61 -1.21 13.39
N SER A 8 2.15 -2.15 14.13
CA SER A 8 2.52 -3.46 13.60
C SER A 8 1.30 -4.20 13.06
N VAL A 9 1.45 -4.84 11.92
CA VAL A 9 0.35 -5.59 11.32
C VAL A 9 0.55 -7.09 11.52
N TYR A 10 -0.55 -7.77 11.81
CA TYR A 10 -0.54 -9.20 12.02
C TYR A 10 -0.72 -9.94 10.70
N ALA A 11 -0.30 -11.20 10.67
CA ALA A 11 -0.31 -12.00 9.44
C ALA A 11 -1.71 -12.25 8.92
N ALA A 12 -2.72 -12.00 9.75
CA ALA A 12 -4.12 -12.21 9.37
C ALA A 12 -4.55 -11.22 8.29
N GLU A 13 -4.18 -9.95 8.46
CA GLU A 13 -4.59 -8.90 7.55
C GLU A 13 -3.37 -8.20 6.97
N LYS A 14 -2.33 -8.99 6.74
CA LYS A 14 -1.07 -8.50 6.23
C LYS A 14 -1.06 -8.41 4.70
N VAL A 15 -1.10 -7.19 4.20
CA VAL A 15 -0.86 -6.93 2.79
C VAL A 15 0.57 -6.47 2.61
N MET A 16 1.23 -7.00 1.59
CA MET A 16 2.68 -6.86 1.49
C MET A 16 3.08 -5.54 0.81
N GLY A 17 3.30 -4.52 1.61
CA GLY A 17 3.82 -3.27 1.09
C GLY A 17 5.32 -3.20 1.26
N GLY A 18 6.05 -3.53 0.20
CA GLY A 18 7.50 -3.50 0.25
C GLY A 18 8.06 -4.45 1.29
N GLY A 19 7.59 -5.70 1.26
CA GLY A 19 8.07 -6.72 2.18
C GLY A 19 7.56 -6.53 3.60
N LYS A 20 6.72 -5.52 3.78
CA LYS A 20 6.23 -5.17 5.10
C LYS A 20 4.72 -5.30 5.18
N PRO A 21 4.20 -5.97 6.21
CA PRO A 21 2.77 -6.01 6.50
C PRO A 21 2.16 -4.62 6.67
N TRP A 22 1.29 -4.26 5.76
CA TRP A 22 0.54 -3.02 5.84
C TRP A 22 -0.90 -3.31 6.21
N HIS A 23 -1.65 -2.28 6.54
CA HIS A 23 -3.07 -2.43 6.85
C HIS A 23 -3.87 -2.61 5.57
N LYS A 24 -4.91 -3.43 5.66
CA LYS A 24 -5.86 -3.65 4.57
C LYS A 24 -6.43 -2.34 4.04
N THR A 25 -6.46 -1.32 4.89
CA THR A 25 -6.95 -0.01 4.51
C THR A 25 -5.82 0.90 4.05
N CYS A 26 -4.69 0.85 4.74
CA CYS A 26 -3.57 1.76 4.50
C CYS A 26 -2.72 1.32 3.33
N PHE A 27 -3.00 0.13 2.83
CA PHE A 27 -2.38 -0.36 1.61
C PHE A 27 -2.96 0.43 0.45
N ARG A 28 -2.71 1.72 0.48
CA ARG A 28 -3.39 2.67 -0.37
C ARG A 28 -2.41 3.75 -0.81
N CYS A 29 -2.61 4.28 -2.01
CA CYS A 29 -1.78 5.36 -2.48
C CYS A 29 -2.26 6.68 -1.89
N ALA A 30 -1.30 7.44 -1.39
CA ALA A 30 -1.55 8.71 -0.72
C ALA A 30 -1.93 9.81 -1.71
N ILE A 31 -1.74 9.54 -3.00
CA ILE A 31 -2.03 10.53 -4.02
C ILE A 31 -3.54 10.79 -4.11
N CYS A 32 -4.32 9.72 -4.03
CA CYS A 32 -5.76 9.85 -4.13
C CYS A 32 -6.43 9.37 -2.85
N GLY A 33 -5.77 8.43 -2.16
CA GLY A 33 -6.34 7.83 -0.99
C GLY A 33 -7.02 6.51 -1.31
N LYS A 34 -6.60 5.89 -2.40
CA LYS A 34 -7.26 4.67 -2.89
C LYS A 34 -6.69 3.42 -2.23
N SER A 35 -7.54 2.70 -1.52
CA SER A 35 -7.16 1.45 -0.90
C SER A 35 -6.93 0.38 -1.98
N LEU A 36 -5.74 -0.18 -2.00
CA LEU A 36 -5.35 -1.11 -3.05
C LEU A 36 -5.53 -2.55 -2.58
N GLU A 37 -5.98 -3.40 -3.48
CA GLU A 37 -6.23 -4.79 -3.15
C GLU A 37 -5.21 -5.70 -3.83
N SER A 38 -5.50 -7.00 -3.88
CA SER A 38 -4.59 -8.00 -4.41
C SER A 38 -4.10 -7.65 -5.82
N THR A 39 -2.80 -7.33 -5.92
CA THR A 39 -2.13 -7.08 -7.19
C THR A 39 -2.66 -5.79 -7.86
N ASN A 40 -3.38 -4.99 -7.09
CA ASN A 40 -3.87 -3.71 -7.57
C ASN A 40 -2.90 -2.61 -7.12
N VAL A 41 -1.95 -3.02 -6.32
CA VAL A 41 -0.94 -2.13 -5.76
C VAL A 41 0.30 -2.08 -6.65
N THR A 42 0.96 -0.93 -6.67
CA THR A 42 2.23 -0.79 -7.33
C THR A 42 3.26 -0.21 -6.36
N ASP A 43 4.49 -0.68 -6.46
CA ASP A 43 5.54 -0.23 -5.55
C ASP A 43 6.45 0.78 -6.24
N LYS A 44 6.69 1.90 -5.58
CA LYS A 44 7.60 2.91 -6.10
C LYS A 44 8.46 3.50 -4.99
N ASP A 45 9.68 2.98 -4.86
CA ASP A 45 10.69 3.50 -3.92
C ASP A 45 10.22 3.40 -2.48
N GLY A 46 9.38 2.42 -2.20
CA GLY A 46 8.91 2.22 -0.85
C GLY A 46 7.49 2.70 -0.63
N GLU A 47 7.01 3.54 -1.54
CA GLU A 47 5.65 4.05 -1.45
C GLU A 47 4.75 3.28 -2.42
N LEU A 48 3.51 3.06 -2.01
CA LEU A 48 2.59 2.27 -2.81
C LEU A 48 1.63 3.18 -3.57
N TYR A 49 1.45 2.89 -4.85
CA TYR A 49 0.57 3.69 -5.71
C TYR A 49 -0.39 2.79 -6.47
N CYS A 50 -1.54 3.34 -6.81
CA CYS A 50 -2.56 2.62 -7.58
C CYS A 50 -2.06 2.34 -8.99
N LYS A 51 -2.70 1.41 -9.67
CA LYS A 51 -2.39 1.13 -11.07
C LYS A 51 -2.75 2.34 -11.94
N VAL A 52 -3.79 3.06 -11.53
CA VAL A 52 -4.25 4.25 -12.25
C VAL A 52 -3.32 5.42 -11.95
N CYS A 53 -3.01 5.62 -10.68
CA CYS A 53 -2.12 6.69 -10.27
C CYS A 53 -0.68 6.42 -10.75
N TYR A 54 -0.34 5.14 -10.86
CA TYR A 54 0.94 4.73 -11.45
C TYR A 54 1.06 5.22 -12.89
N ALA A 55 -0.05 5.20 -13.62
CA ALA A 55 -0.09 5.64 -15.00
C ALA A 55 0.22 7.14 -15.10
N LYS A 56 -0.07 7.86 -14.04
CA LYS A 56 0.23 9.29 -13.99
C LYS A 56 1.73 9.51 -13.91
N ASN A 57 2.41 8.69 -13.11
CA ASN A 57 3.85 8.78 -12.97
C ASN A 57 4.54 8.28 -14.23
N PHE A 58 4.05 7.16 -14.74
CA PHE A 58 4.63 6.52 -15.93
C PHE A 58 3.69 6.64 -17.11
ZN ZN B . -4.19 6.40 -6.02
ZN ZN C . -2.31 1.54 9.03
N LYS A 1 5.61 -3.80 10.45
CA LYS A 1 4.99 -2.63 11.02
C LYS A 1 4.73 -1.59 9.95
N CYS A 2 3.55 -1.02 10.00
CA CYS A 2 3.13 -0.02 9.03
C CYS A 2 3.75 1.34 9.35
N PRO A 3 4.57 1.87 8.43
CA PRO A 3 5.17 3.19 8.56
C PRO A 3 4.25 4.29 8.05
N ARG A 4 3.04 3.91 7.66
CA ARG A 4 2.06 4.88 7.18
C ARG A 4 1.23 5.40 8.34
N CYS A 5 0.56 4.48 9.04
CA CYS A 5 -0.26 4.86 10.18
C CYS A 5 0.58 4.82 11.46
N GLY A 6 1.58 3.95 11.47
CA GLY A 6 2.45 3.82 12.63
C GLY A 6 1.99 2.73 13.57
N LYS A 7 1.64 1.58 13.00
CA LYS A 7 1.07 0.47 13.78
C LYS A 7 1.65 -0.85 13.30
N SER A 8 1.97 -1.73 14.24
CA SER A 8 2.50 -3.06 13.91
C SER A 8 1.44 -3.90 13.17
N VAL A 9 1.89 -4.72 12.22
CA VAL A 9 0.98 -5.49 11.38
C VAL A 9 1.34 -6.97 11.39
N TYR A 10 0.33 -7.82 11.50
CA TYR A 10 0.54 -9.25 11.39
C TYR A 10 -0.45 -9.89 10.43
N ALA A 11 -0.50 -11.22 10.44
CA ALA A 11 -1.19 -12.03 9.43
C ALA A 11 -2.58 -11.52 9.09
N ALA A 12 -3.35 -11.14 10.11
CA ALA A 12 -4.73 -10.68 9.92
C ALA A 12 -4.83 -9.55 8.91
N GLU A 13 -3.85 -8.65 8.94
CA GLU A 13 -3.85 -7.48 8.07
C GLU A 13 -2.73 -7.55 7.05
N LYS A 14 -1.91 -8.59 7.13
CA LYS A 14 -0.67 -8.66 6.37
C LYS A 14 -0.90 -8.64 4.85
N VAL A 15 -0.88 -7.44 4.30
CA VAL A 15 -0.78 -7.22 2.87
C VAL A 15 0.56 -6.56 2.59
N MET A 16 1.47 -7.33 2.03
CA MET A 16 2.86 -6.91 1.90
C MET A 16 3.03 -5.78 0.89
N GLY A 17 3.21 -4.58 1.40
CA GLY A 17 3.58 -3.46 0.57
C GLY A 17 5.09 -3.35 0.48
N GLY A 18 5.64 -3.60 -0.70
CA GLY A 18 7.08 -3.54 -0.89
C GLY A 18 7.79 -4.77 -0.37
N GLY A 19 7.18 -5.44 0.59
CA GLY A 19 7.78 -6.62 1.19
C GLY A 19 7.43 -6.76 2.65
N LYS A 20 6.86 -5.71 3.23
CA LYS A 20 6.46 -5.74 4.63
C LYS A 20 4.95 -5.62 4.73
N PRO A 21 4.32 -6.36 5.66
CA PRO A 21 2.88 -6.29 5.92
C PRO A 21 2.40 -4.89 6.25
N TRP A 22 1.52 -4.37 5.41
CA TRP A 22 0.83 -3.12 5.67
C TRP A 22 -0.59 -3.42 6.12
N HIS A 23 -1.39 -2.39 6.34
CA HIS A 23 -2.77 -2.60 6.75
C HIS A 23 -3.66 -2.68 5.52
N LYS A 24 -4.72 -3.47 5.58
CA LYS A 24 -5.66 -3.54 4.44
C LYS A 24 -6.19 -2.15 4.12
N THR A 25 -6.32 -1.32 5.13
CA THR A 25 -6.84 0.02 4.97
C THR A 25 -5.86 0.92 4.22
N CYS A 26 -4.62 1.00 4.69
CA CYS A 26 -3.65 1.92 4.13
C CYS A 26 -2.91 1.29 2.95
N PHE A 27 -3.22 0.04 2.65
CA PHE A 27 -2.75 -0.62 1.44
C PHE A 27 -3.39 0.10 0.27
N ARG A 28 -2.85 1.27 -0.04
CA ARG A 28 -3.50 2.23 -0.89
C ARG A 28 -2.50 3.31 -1.28
N CYS A 29 -2.89 4.19 -2.19
CA CYS A 29 -2.07 5.34 -2.47
C CYS A 29 -2.74 6.59 -1.90
N ALA A 30 -1.95 7.35 -1.14
CA ALA A 30 -2.42 8.58 -0.54
C ALA A 30 -2.50 9.72 -1.56
N ILE A 31 -2.23 9.42 -2.82
CA ILE A 31 -2.32 10.43 -3.86
C ILE A 31 -3.78 10.72 -4.19
N CYS A 32 -4.59 9.69 -4.21
CA CYS A 32 -6.01 9.85 -4.46
C CYS A 32 -6.76 9.58 -3.17
N GLY A 33 -6.16 8.73 -2.36
CA GLY A 33 -6.79 8.27 -1.14
C GLY A 33 -7.63 7.04 -1.40
N LYS A 34 -7.17 6.18 -2.30
CA LYS A 34 -7.93 4.99 -2.66
C LYS A 34 -7.19 3.71 -2.27
N SER A 35 -7.93 2.77 -1.70
CA SER A 35 -7.36 1.50 -1.26
C SER A 35 -7.10 0.56 -2.43
N LEU A 36 -6.13 -0.33 -2.26
CA LEU A 36 -5.70 -1.24 -3.31
C LEU A 36 -6.01 -2.68 -2.96
N GLU A 37 -6.16 -3.51 -3.99
CA GLU A 37 -6.38 -4.93 -3.81
C GLU A 37 -5.10 -5.69 -4.10
N SER A 38 -5.18 -7.01 -4.01
CA SER A 38 -4.00 -7.86 -3.86
C SER A 38 -3.07 -7.88 -5.08
N THR A 39 -3.58 -7.57 -6.27
CA THR A 39 -2.75 -7.66 -7.47
C THR A 39 -2.59 -6.31 -8.18
N ASN A 40 -3.56 -5.42 -8.02
CA ASN A 40 -3.49 -4.12 -8.71
C ASN A 40 -2.61 -3.15 -7.92
N VAL A 41 -2.01 -3.65 -6.85
CA VAL A 41 -1.13 -2.84 -6.02
C VAL A 41 0.26 -2.74 -6.61
N THR A 42 0.80 -1.54 -6.60
CA THR A 42 2.18 -1.33 -6.98
C THR A 42 2.88 -0.49 -5.92
N ASP A 43 4.19 -0.66 -5.78
CA ASP A 43 4.94 0.06 -4.76
C ASP A 43 6.14 0.76 -5.36
N LYS A 44 6.59 1.80 -4.69
CA LYS A 44 7.83 2.48 -5.06
C LYS A 44 8.55 2.95 -3.81
N ASP A 45 9.64 2.24 -3.49
CA ASP A 45 10.50 2.58 -2.34
C ASP A 45 9.80 2.26 -1.02
N GLY A 46 8.94 3.15 -0.58
CA GLY A 46 8.25 2.96 0.69
C GLY A 46 6.78 3.26 0.62
N GLU A 47 6.33 3.81 -0.51
CA GLU A 47 4.93 4.16 -0.68
C GLU A 47 4.23 3.20 -1.64
N LEU A 48 2.95 2.97 -1.40
CA LEU A 48 2.13 2.16 -2.29
C LEU A 48 1.32 3.08 -3.20
N TYR A 49 1.13 2.68 -4.44
CA TYR A 49 0.39 3.48 -5.40
C TYR A 49 -0.54 2.61 -6.22
N CYS A 50 -1.73 3.13 -6.50
CA CYS A 50 -2.65 2.50 -7.44
C CYS A 50 -2.02 2.51 -8.82
N LYS A 51 -2.32 1.50 -9.62
CA LYS A 51 -1.76 1.42 -10.97
C LYS A 51 -2.21 2.62 -11.81
N VAL A 52 -3.41 3.11 -11.54
CA VAL A 52 -3.94 4.27 -12.25
C VAL A 52 -3.15 5.52 -11.88
N CYS A 53 -2.93 5.72 -10.59
CA CYS A 53 -2.18 6.87 -10.11
C CYS A 53 -0.70 6.74 -10.46
N TYR A 54 -0.22 5.50 -10.51
CA TYR A 54 1.16 5.22 -10.89
C TYR A 54 1.37 5.53 -12.37
N ALA A 55 0.44 5.12 -13.20
CA ALA A 55 0.50 5.34 -14.64
C ALA A 55 0.48 6.83 -14.97
N LYS A 56 -0.10 7.62 -14.08
CA LYS A 56 -0.13 9.07 -14.22
C LYS A 56 1.29 9.63 -14.24
N ASN A 57 2.14 9.11 -13.37
CA ASN A 57 3.48 9.63 -13.19
C ASN A 57 4.49 8.91 -14.07
N PHE A 58 4.37 7.58 -14.13
CA PHE A 58 5.33 6.76 -14.86
C PHE A 58 4.68 6.13 -16.08
ZN ZN B . -4.35 6.25 -5.93
ZN ZN C . -1.36 1.36 8.12
N LYS A 1 4.77 -4.92 11.05
CA LYS A 1 4.28 -3.65 11.54
C LYS A 1 4.02 -2.66 10.41
N CYS A 2 2.87 -2.02 10.50
CA CYS A 2 2.46 -1.00 9.55
C CYS A 2 3.05 0.35 9.93
N PRO A 3 3.81 0.96 9.01
CA PRO A 3 4.45 2.25 9.22
C PRO A 3 3.50 3.43 9.00
N ARG A 4 2.24 3.15 8.73
CA ARG A 4 1.24 4.21 8.55
C ARG A 4 0.47 4.43 9.84
N CYS A 5 0.22 3.35 10.56
CA CYS A 5 -0.53 3.44 11.80
C CYS A 5 0.38 3.20 13.00
N GLY A 6 1.59 2.72 12.73
CA GLY A 6 2.52 2.41 13.80
C GLY A 6 2.05 1.22 14.61
N LYS A 7 1.36 0.30 13.94
CA LYS A 7 0.69 -0.81 14.61
C LYS A 7 1.06 -2.12 13.94
N SER A 8 1.11 -3.19 14.73
CA SER A 8 1.44 -4.50 14.22
C SER A 8 0.39 -4.99 13.22
N VAL A 9 0.83 -5.82 12.28
CA VAL A 9 -0.07 -6.37 11.27
C VAL A 9 -0.02 -7.88 11.28
N TYR A 10 -1.18 -8.50 11.30
CA TYR A 10 -1.30 -9.95 11.23
C TYR A 10 -1.53 -10.40 9.78
N ALA A 11 -1.72 -11.69 9.57
CA ALA A 11 -1.85 -12.23 8.21
C ALA A 11 -3.08 -11.68 7.46
N ALA A 12 -4.22 -11.59 8.15
CA ALA A 12 -5.49 -11.21 7.54
C ALA A 12 -5.42 -9.85 6.85
N GLU A 13 -4.86 -8.87 7.52
CA GLU A 13 -4.77 -7.52 6.96
C GLU A 13 -3.45 -7.28 6.26
N LYS A 14 -2.59 -8.29 6.24
CA LYS A 14 -1.24 -8.14 5.72
C LYS A 14 -1.21 -7.83 4.23
N VAL A 15 -1.11 -6.56 3.91
CA VAL A 15 -0.82 -6.12 2.58
C VAL A 15 0.66 -5.77 2.49
N MET A 16 1.45 -6.67 1.94
CA MET A 16 2.90 -6.54 2.00
C MET A 16 3.44 -5.48 1.06
N GLY A 17 3.61 -4.28 1.60
CA GLY A 17 4.37 -3.26 0.91
C GLY A 17 5.85 -3.60 0.96
N GLY A 18 6.34 -4.22 -0.09
CA GLY A 18 7.71 -4.70 -0.09
C GLY A 18 7.83 -5.96 0.74
N GLY A 19 8.51 -5.87 1.87
CA GLY A 19 8.61 -7.01 2.76
C GLY A 19 7.91 -6.77 4.08
N LYS A 20 7.05 -5.76 4.14
CA LYS A 20 6.36 -5.41 5.37
C LYS A 20 4.85 -5.46 5.19
N PRO A 21 4.14 -6.20 6.06
CA PRO A 21 2.67 -6.11 6.17
C PRO A 21 2.18 -4.70 6.53
N TRP A 22 1.38 -4.13 5.65
CA TRP A 22 0.63 -2.92 5.94
C TRP A 22 -0.83 -3.32 6.10
N HIS A 23 -1.70 -2.39 6.46
CA HIS A 23 -3.13 -2.70 6.57
C HIS A 23 -3.82 -2.28 5.29
N LYS A 24 -4.98 -2.84 4.99
CA LYS A 24 -5.65 -2.56 3.71
C LYS A 24 -6.00 -1.08 3.54
N THR A 25 -6.53 -0.47 4.60
CA THR A 25 -7.08 0.88 4.52
C THR A 25 -6.00 1.96 4.41
N CYS A 26 -4.89 1.76 5.08
CA CYS A 26 -3.83 2.75 5.16
C CYS A 26 -2.82 2.58 4.03
N PHE A 27 -2.67 1.33 3.57
CA PHE A 27 -1.86 1.06 2.39
C PHE A 27 -2.54 1.67 1.18
N ARG A 28 -2.34 2.97 1.03
CA ARG A 28 -3.06 3.72 0.03
C ARG A 28 -2.11 4.65 -0.70
N CYS A 29 -2.36 4.85 -1.98
CA CYS A 29 -1.56 5.80 -2.73
C CYS A 29 -2.05 7.19 -2.43
N ALA A 30 -1.07 8.07 -2.20
CA ALA A 30 -1.31 9.45 -1.80
C ALA A 30 -1.86 10.30 -2.94
N ILE A 31 -1.84 9.76 -4.15
CA ILE A 31 -2.32 10.50 -5.31
C ILE A 31 -3.83 10.65 -5.25
N CYS A 32 -4.51 9.60 -4.81
CA CYS A 32 -5.95 9.61 -4.77
C CYS A 32 -6.46 9.38 -3.35
N GLY A 33 -5.65 8.67 -2.56
CA GLY A 33 -6.05 8.28 -1.23
C GLY A 33 -6.71 6.92 -1.23
N LYS A 34 -6.35 6.08 -2.20
CA LYS A 34 -7.05 4.80 -2.38
C LYS A 34 -6.37 3.67 -1.63
N SER A 35 -7.12 3.02 -0.76
CA SER A 35 -6.65 1.85 -0.06
C SER A 35 -6.45 0.69 -1.05
N LEU A 36 -5.28 0.09 -1.01
CA LEU A 36 -4.92 -0.96 -1.94
C LEU A 36 -4.84 -2.30 -1.24
N GLU A 37 -4.35 -3.31 -1.95
CA GLU A 37 -4.21 -4.65 -1.41
C GLU A 37 -2.93 -5.29 -1.94
N SER A 38 -2.86 -6.62 -1.93
CA SER A 38 -1.68 -7.31 -2.39
C SER A 38 -1.41 -7.05 -3.88
N THR A 39 -2.46 -6.96 -4.67
CA THR A 39 -2.33 -6.69 -6.09
C THR A 39 -2.87 -5.29 -6.44
N ASN A 40 -2.64 -4.88 -7.69
CA ASN A 40 -3.08 -3.57 -8.20
C ASN A 40 -2.21 -2.45 -7.62
N VAL A 41 -0.96 -2.77 -7.32
CA VAL A 41 -0.07 -1.85 -6.64
C VAL A 41 1.24 -1.66 -7.40
N THR A 42 1.82 -0.48 -7.27
CA THR A 42 3.14 -0.19 -7.79
C THR A 42 3.95 0.54 -6.72
N ASP A 43 5.09 -0.02 -6.35
CA ASP A 43 5.92 0.56 -5.30
C ASP A 43 7.09 1.33 -5.90
N LYS A 44 7.37 2.49 -5.32
CA LYS A 44 8.53 3.28 -5.70
C LYS A 44 9.29 3.73 -4.46
N ASP A 45 10.26 2.91 -4.05
CA ASP A 45 11.18 3.25 -2.97
C ASP A 45 10.47 3.50 -1.65
N GLY A 46 9.34 2.83 -1.45
CA GLY A 46 8.59 2.99 -0.22
C GLY A 46 7.33 3.80 -0.43
N GLU A 47 7.20 4.42 -1.59
CA GLU A 47 6.01 5.18 -1.92
C GLU A 47 5.05 4.30 -2.71
N LEU A 48 3.88 4.05 -2.15
CA LEU A 48 2.92 3.15 -2.76
C LEU A 48 2.00 3.92 -3.68
N TYR A 49 1.75 3.36 -4.85
CA TYR A 49 0.82 3.95 -5.81
C TYR A 49 -0.08 2.87 -6.39
N CYS A 50 -1.35 3.20 -6.61
CA CYS A 50 -2.24 2.31 -7.33
C CYS A 50 -1.73 2.12 -8.75
N LYS A 51 -1.88 0.92 -9.29
CA LYS A 51 -1.47 0.67 -10.66
C LYS A 51 -2.28 1.54 -11.61
N VAL A 52 -3.48 1.91 -11.17
CA VAL A 52 -4.34 2.81 -11.93
C VAL A 52 -3.74 4.21 -11.96
N CYS A 53 -3.35 4.70 -10.80
CA CYS A 53 -2.80 6.04 -10.66
C CYS A 53 -1.42 6.16 -11.30
N TYR A 54 -0.59 5.14 -11.11
CA TYR A 54 0.76 5.16 -11.66
C TYR A 54 0.70 5.11 -13.18
N ALA A 55 -0.17 4.26 -13.72
CA ALA A 55 -0.34 4.13 -15.16
C ALA A 55 -1.05 5.35 -15.74
N LYS A 56 -1.84 6.02 -14.90
CA LYS A 56 -2.53 7.24 -15.30
C LYS A 56 -1.52 8.32 -15.66
N ASN A 57 -0.46 8.42 -14.86
CA ASN A 57 0.57 9.41 -15.09
C ASN A 57 1.63 8.90 -16.07
N PHE A 58 2.05 7.66 -15.86
CA PHE A 58 3.08 7.04 -16.70
C PHE A 58 2.46 5.97 -17.58
ZN ZN B . -4.26 5.95 -6.15
ZN ZN C . -2.03 0.60 8.97
N LYS A 1 5.35 -4.90 10.79
CA LYS A 1 4.92 -3.63 11.34
C LYS A 1 4.72 -2.60 10.24
N CYS A 2 3.57 -1.93 10.30
CA CYS A 2 3.23 -0.89 9.35
C CYS A 2 3.98 0.40 9.66
N PRO A 3 4.75 0.91 8.68
CA PRO A 3 5.50 2.15 8.80
C PRO A 3 4.64 3.37 8.48
N ARG A 4 3.37 3.13 8.20
CA ARG A 4 2.45 4.20 7.87
C ARG A 4 1.82 4.73 9.15
N CYS A 5 1.13 3.85 9.85
CA CYS A 5 0.44 4.22 11.08
C CYS A 5 1.33 4.03 12.30
N GLY A 6 2.39 3.23 12.12
CA GLY A 6 3.31 2.96 13.21
C GLY A 6 2.82 1.84 14.11
N LYS A 7 2.17 0.84 13.52
CA LYS A 7 1.57 -0.24 14.29
C LYS A 7 1.78 -1.58 13.59
N SER A 8 1.87 -2.63 14.37
CA SER A 8 2.16 -3.96 13.83
C SER A 8 1.01 -4.48 12.97
N VAL A 9 1.32 -5.41 12.08
CA VAL A 9 0.33 -6.04 11.23
C VAL A 9 0.52 -7.54 11.25
N TYR A 10 -0.57 -8.30 11.20
CA TYR A 10 -0.45 -9.74 11.15
C TYR A 10 -1.31 -10.31 10.03
N ALA A 11 -1.30 -11.64 9.90
CA ALA A 11 -1.88 -12.35 8.74
C ALA A 11 -3.27 -11.86 8.35
N ALA A 12 -4.12 -11.61 9.35
CA ALA A 12 -5.51 -11.23 9.11
C ALA A 12 -5.63 -10.02 8.18
N GLU A 13 -4.69 -9.08 8.31
CA GLU A 13 -4.71 -7.86 7.51
C GLU A 13 -3.40 -7.70 6.73
N LYS A 14 -2.59 -8.76 6.70
CA LYS A 14 -1.28 -8.70 6.06
C LYS A 14 -1.38 -8.51 4.55
N VAL A 15 -1.37 -7.25 4.12
CA VAL A 15 -1.21 -6.90 2.72
C VAL A 15 0.22 -6.44 2.50
N MET A 16 0.98 -7.26 1.77
CA MET A 16 2.42 -7.09 1.71
C MET A 16 2.85 -6.02 0.72
N GLY A 17 2.95 -4.78 1.19
CA GLY A 17 3.54 -3.73 0.39
C GLY A 17 5.05 -3.82 0.42
N GLY A 18 5.63 -4.19 -0.71
CA GLY A 18 7.08 -4.31 -0.79
C GLY A 18 7.59 -5.61 -0.23
N GLY A 19 6.76 -6.28 0.55
CA GLY A 19 7.15 -7.51 1.21
C GLY A 19 6.85 -7.50 2.68
N LYS A 20 6.34 -6.36 3.17
CA LYS A 20 5.98 -6.23 4.57
C LYS A 20 4.48 -6.02 4.70
N PRO A 21 3.86 -6.61 5.74
CA PRO A 21 2.43 -6.41 6.03
C PRO A 21 2.06 -4.96 6.33
N TRP A 22 1.13 -4.45 5.55
CA TRP A 22 0.53 -3.15 5.79
C TRP A 22 -0.91 -3.35 6.29
N HIS A 23 -1.60 -2.28 6.59
CA HIS A 23 -3.00 -2.38 7.00
C HIS A 23 -3.89 -2.13 5.79
N LYS A 24 -4.93 -2.93 5.64
CA LYS A 24 -5.86 -2.81 4.52
C LYS A 24 -6.49 -1.40 4.45
N THR A 25 -6.40 -0.66 5.54
CA THR A 25 -6.97 0.68 5.62
C THR A 25 -5.97 1.77 5.23
N CYS A 26 -4.67 1.45 5.28
CA CYS A 26 -3.63 2.42 4.98
C CYS A 26 -2.85 2.03 3.72
N PHE A 27 -2.89 0.74 3.40
CA PHE A 27 -2.34 0.21 2.18
C PHE A 27 -3.12 0.77 1.01
N ARG A 28 -2.73 1.96 0.59
CA ARG A 28 -3.48 2.72 -0.37
C ARG A 28 -2.60 3.83 -0.93
N CYS A 29 -2.94 4.31 -2.11
CA CYS A 29 -2.16 5.38 -2.70
C CYS A 29 -2.84 6.72 -2.42
N ALA A 30 -2.01 7.70 -2.10
CA ALA A 30 -2.49 9.04 -1.77
C ALA A 30 -2.94 9.80 -3.01
N ILE A 31 -2.66 9.27 -4.20
CA ILE A 31 -3.04 9.94 -5.44
C ILE A 31 -4.55 9.96 -5.59
N CYS A 32 -5.18 8.82 -5.38
CA CYS A 32 -6.62 8.74 -5.51
C CYS A 32 -7.25 8.68 -4.13
N GLY A 33 -6.39 8.46 -3.14
CA GLY A 33 -6.84 8.32 -1.77
C GLY A 33 -7.62 7.03 -1.59
N LYS A 34 -7.28 6.03 -2.39
CA LYS A 34 -8.07 4.81 -2.43
C LYS A 34 -7.25 3.61 -2.00
N SER A 35 -7.91 2.72 -1.25
CA SER A 35 -7.26 1.56 -0.65
C SER A 35 -6.95 0.48 -1.69
N LEU A 36 -5.81 -0.17 -1.50
CA LEU A 36 -5.38 -1.26 -2.35
C LEU A 36 -5.85 -2.58 -1.74
N GLU A 37 -6.38 -3.46 -2.59
CA GLU A 37 -6.91 -4.74 -2.14
C GLU A 37 -5.79 -5.71 -1.80
N SER A 38 -5.10 -6.18 -2.83
CA SER A 38 -4.03 -7.15 -2.65
C SER A 38 -3.24 -7.32 -3.95
N THR A 39 -3.95 -7.50 -5.05
CA THR A 39 -3.32 -7.74 -6.34
C THR A 39 -3.01 -6.42 -7.07
N ASN A 40 -2.76 -5.38 -6.29
CA ASN A 40 -2.53 -4.05 -6.84
C ASN A 40 -1.69 -3.22 -5.88
N VAL A 41 -0.41 -3.07 -6.20
CA VAL A 41 0.51 -2.27 -5.39
C VAL A 41 1.80 -1.99 -6.13
N THR A 42 2.19 -0.73 -6.16
CA THR A 42 3.46 -0.35 -6.74
C THR A 42 4.19 0.61 -5.80
N ASP A 43 5.53 0.57 -5.81
CA ASP A 43 6.31 1.43 -4.93
C ASP A 43 7.17 2.40 -5.74
N LYS A 44 7.11 3.67 -5.36
CA LYS A 44 7.97 4.69 -5.93
C LYS A 44 8.64 5.48 -4.81
N ASP A 45 9.87 5.07 -4.47
CA ASP A 45 10.68 5.78 -3.46
C ASP A 45 10.02 5.73 -2.09
N GLY A 46 9.20 4.71 -1.85
CA GLY A 46 8.52 4.59 -0.57
C GLY A 46 7.07 5.00 -0.67
N GLU A 47 6.69 5.56 -1.81
CA GLU A 47 5.30 5.92 -2.03
C GLU A 47 4.54 4.80 -2.70
N LEU A 48 3.49 4.36 -2.05
CA LEU A 48 2.65 3.29 -2.58
C LEU A 48 1.61 3.85 -3.52
N TYR A 49 1.52 3.27 -4.70
CA TYR A 49 0.57 3.73 -5.72
C TYR A 49 -0.18 2.56 -6.32
N CYS A 50 -1.40 2.80 -6.76
CA CYS A 50 -2.16 1.82 -7.52
C CYS A 50 -1.62 1.76 -8.94
N LYS A 51 -1.85 0.66 -9.64
CA LYS A 51 -1.35 0.50 -11.01
C LYS A 51 -1.79 1.66 -11.91
N VAL A 52 -3.05 2.08 -11.77
CA VAL A 52 -3.61 3.15 -12.60
C VAL A 52 -2.97 4.49 -12.26
N CYS A 53 -2.88 4.79 -10.98
CA CYS A 53 -2.30 6.03 -10.52
C CYS A 53 -0.80 6.07 -10.82
N TYR A 54 -0.18 4.91 -10.80
CA TYR A 54 1.23 4.74 -11.19
C TYR A 54 1.41 5.06 -12.67
N ALA A 55 0.42 4.67 -13.47
CA ALA A 55 0.46 4.87 -14.91
C ALA A 55 0.43 6.35 -15.28
N LYS A 56 -0.11 7.18 -14.41
CA LYS A 56 -0.14 8.61 -14.64
C LYS A 56 1.26 9.22 -14.53
N ASN A 57 1.94 8.90 -13.44
CA ASN A 57 3.28 9.43 -13.20
C ASN A 57 4.29 8.80 -14.15
N PHE A 58 4.06 7.54 -14.49
CA PHE A 58 4.94 6.82 -15.41
C PHE A 58 4.22 6.56 -16.73
ZN ZN B . -4.46 5.25 -6.36
ZN ZN C . -1.12 1.09 8.75
N LYS A 1 5.62 -5.49 10.53
CA LYS A 1 5.14 -4.17 10.90
C LYS A 1 4.99 -3.26 9.70
N CYS A 2 4.11 -2.28 9.83
CA CYS A 2 3.92 -1.25 8.83
C CYS A 2 4.74 -0.02 9.17
N PRO A 3 5.52 0.49 8.20
CA PRO A 3 6.39 1.64 8.38
C PRO A 3 5.65 2.97 8.20
N ARG A 4 4.37 2.89 7.88
CA ARG A 4 3.57 4.10 7.69
C ARG A 4 2.92 4.51 9.01
N CYS A 5 2.36 3.53 9.70
CA CYS A 5 1.73 3.78 10.98
C CYS A 5 2.70 3.45 12.13
N GLY A 6 3.74 2.70 11.80
CA GLY A 6 4.74 2.33 12.79
C GLY A 6 4.22 1.26 13.73
N LYS A 7 3.38 0.38 13.22
CA LYS A 7 2.70 -0.61 14.06
C LYS A 7 2.62 -1.95 13.35
N SER A 8 2.56 -3.02 14.13
CA SER A 8 2.59 -4.38 13.60
C SER A 8 1.28 -4.75 12.92
N VAL A 9 1.38 -5.54 11.86
CA VAL A 9 0.20 -5.98 11.12
C VAL A 9 0.17 -7.50 11.03
N TYR A 10 -1.00 -8.09 11.19
CA TYR A 10 -1.12 -9.53 11.10
C TYR A 10 -2.03 -9.91 9.93
N ALA A 11 -2.14 -11.21 9.64
CA ALA A 11 -2.77 -11.71 8.42
C ALA A 11 -4.14 -11.10 8.13
N ALA A 12 -4.93 -10.86 9.17
CA ALA A 12 -6.28 -10.32 9.02
C ALA A 12 -6.30 -9.03 8.22
N GLU A 13 -5.25 -8.23 8.34
CA GLU A 13 -5.17 -6.97 7.62
C GLU A 13 -3.86 -6.88 6.83
N LYS A 14 -3.20 -8.03 6.67
CA LYS A 14 -1.89 -8.08 6.04
C LYS A 14 -2.00 -7.86 4.53
N VAL A 15 -1.91 -6.61 4.11
CA VAL A 15 -1.73 -6.27 2.71
C VAL A 15 -0.25 -6.00 2.46
N MET A 16 0.38 -6.86 1.69
CA MET A 16 1.84 -6.85 1.60
C MET A 16 2.36 -5.82 0.61
N GLY A 17 2.67 -4.63 1.12
CA GLY A 17 3.41 -3.66 0.34
C GLY A 17 4.86 -4.07 0.23
N GLY A 18 5.24 -4.57 -0.94
CA GLY A 18 6.59 -5.07 -1.12
C GLY A 18 6.77 -6.42 -0.45
N GLY A 19 7.28 -6.40 0.77
CA GLY A 19 7.46 -7.62 1.52
C GLY A 19 7.05 -7.47 2.97
N LYS A 20 6.20 -6.48 3.24
CA LYS A 20 5.74 -6.22 4.60
C LYS A 20 4.24 -5.99 4.62
N PRO A 21 3.54 -6.55 5.63
CA PRO A 21 2.12 -6.24 5.89
C PRO A 21 1.90 -4.77 6.23
N TRP A 22 1.01 -4.16 5.49
CA TRP A 22 0.55 -2.81 5.77
C TRP A 22 -0.88 -2.88 6.26
N HIS A 23 -1.51 -1.73 6.46
CA HIS A 23 -2.89 -1.68 6.88
C HIS A 23 -3.74 -1.27 5.69
N LYS A 24 -4.91 -1.87 5.56
CA LYS A 24 -5.82 -1.49 4.48
C LYS A 24 -6.22 -0.02 4.60
N THR A 25 -5.99 0.56 5.77
CA THR A 25 -6.29 1.95 6.03
C THR A 25 -5.18 2.88 5.50
N CYS A 26 -3.95 2.40 5.53
CA CYS A 26 -2.82 3.21 5.07
C CYS A 26 -2.41 2.80 3.66
N PHE A 27 -2.68 1.54 3.34
CA PHE A 27 -2.35 0.97 2.04
C PHE A 27 -3.31 1.48 0.98
N ARG A 28 -3.19 2.76 0.70
CA ARG A 28 -4.04 3.43 -0.26
C ARG A 28 -3.27 4.55 -0.92
N CYS A 29 -3.28 4.55 -2.24
CA CYS A 29 -2.55 5.57 -2.97
C CYS A 29 -3.25 6.91 -2.83
N ALA A 30 -2.44 7.92 -2.53
CA ALA A 30 -2.93 9.26 -2.27
C ALA A 30 -3.36 9.96 -3.55
N ILE A 31 -3.08 9.35 -4.70
CA ILE A 31 -3.43 9.95 -5.98
C ILE A 31 -4.94 9.93 -6.15
N CYS A 32 -5.56 8.83 -5.78
CA CYS A 32 -6.99 8.68 -5.95
C CYS A 32 -7.68 8.54 -4.60
N GLY A 33 -6.91 8.07 -3.62
CA GLY A 33 -7.45 7.80 -2.31
C GLY A 33 -8.00 6.40 -2.23
N LYS A 34 -7.44 5.49 -3.01
CA LYS A 34 -7.96 4.13 -3.11
C LYS A 34 -7.06 3.11 -2.41
N SER A 35 -7.69 2.23 -1.64
CA SER A 35 -6.97 1.17 -0.93
C SER A 35 -6.68 0.00 -1.87
N LEU A 36 -5.52 -0.61 -1.70
CA LEU A 36 -5.07 -1.64 -2.62
C LEU A 36 -4.92 -2.99 -1.91
N GLU A 37 -4.68 -4.03 -2.70
CA GLU A 37 -4.55 -5.39 -2.17
C GLU A 37 -3.08 -5.80 -2.09
N SER A 38 -2.58 -6.44 -3.14
CA SER A 38 -1.21 -6.94 -3.16
C SER A 38 -0.63 -6.92 -4.58
N THR A 39 -1.44 -7.33 -5.55
CA THR A 39 -1.01 -7.38 -6.93
C THR A 39 -1.15 -6.02 -7.61
N ASN A 40 -2.19 -5.29 -7.20
CA ASN A 40 -2.57 -4.05 -7.86
C ASN A 40 -1.87 -2.83 -7.27
N VAL A 41 -0.73 -3.05 -6.64
CA VAL A 41 -0.01 -1.97 -5.99
C VAL A 41 1.44 -1.90 -6.44
N THR A 42 1.91 -0.69 -6.63
CA THR A 42 3.31 -0.44 -6.86
C THR A 42 3.74 0.78 -6.06
N ASP A 43 4.56 0.57 -5.03
CA ASP A 43 4.95 1.66 -4.16
C ASP A 43 6.24 2.29 -4.64
N LYS A 44 6.41 3.57 -4.32
CA LYS A 44 7.61 4.29 -4.65
C LYS A 44 8.21 4.89 -3.38
N ASP A 45 9.29 4.28 -2.91
CA ASP A 45 10.03 4.77 -1.75
C ASP A 45 9.16 4.77 -0.49
N GLY A 46 8.28 3.79 -0.36
CA GLY A 46 7.50 3.65 0.85
C GLY A 46 6.11 4.21 0.73
N GLU A 47 5.78 4.80 -0.39
CA GLU A 47 4.43 5.31 -0.61
C GLU A 47 3.73 4.51 -1.68
N LEU A 48 2.52 4.10 -1.36
CA LEU A 48 1.80 3.14 -2.20
C LEU A 48 1.09 3.87 -3.33
N TYR A 49 1.19 3.31 -4.52
CA TYR A 49 0.46 3.83 -5.67
C TYR A 49 -0.17 2.68 -6.44
N CYS A 50 -1.44 2.83 -6.81
CA CYS A 50 -2.12 1.86 -7.64
C CYS A 50 -1.36 1.71 -8.95
N LYS A 51 -1.28 0.49 -9.46
CA LYS A 51 -0.61 0.24 -10.74
C LYS A 51 -1.29 1.04 -11.85
N VAL A 52 -2.56 1.35 -11.65
CA VAL A 52 -3.31 2.17 -12.60
C VAL A 52 -2.88 3.63 -12.47
N CYS A 53 -2.83 4.13 -11.23
CA CYS A 53 -2.44 5.52 -10.98
C CYS A 53 -0.97 5.73 -11.30
N TYR A 54 -0.18 4.68 -11.15
CA TYR A 54 1.23 4.72 -11.49
C TYR A 54 1.41 4.80 -13.00
N ALA A 55 0.50 4.17 -13.73
CA ALA A 55 0.50 4.23 -15.18
C ALA A 55 0.04 5.60 -15.68
N LYS A 56 -0.72 6.28 -14.84
CA LYS A 56 -1.22 7.61 -15.17
C LYS A 56 -0.19 8.69 -14.82
N ASN A 57 0.16 8.76 -13.55
CA ASN A 57 0.99 9.84 -13.02
C ASN A 57 2.46 9.46 -12.91
N PHE A 58 2.72 8.16 -12.69
CA PHE A 58 4.08 7.62 -12.49
C PHE A 58 4.67 8.14 -11.19
ZN ZN B . -4.68 5.25 -6.82
ZN ZN C . -0.24 1.08 8.39
N LYS A 1 5.82 -4.67 10.26
CA LYS A 1 5.37 -3.39 10.77
C LYS A 1 5.21 -2.37 9.65
N CYS A 2 3.96 -1.92 9.47
CA CYS A 2 3.63 -0.89 8.49
C CYS A 2 4.40 0.39 8.79
N PRO A 3 5.26 0.81 7.86
CA PRO A 3 6.08 2.01 8.01
C PRO A 3 5.29 3.28 7.75
N ARG A 4 4.04 3.14 7.37
CA ARG A 4 3.20 4.28 7.05
C ARG A 4 2.44 4.73 8.30
N CYS A 5 2.00 3.76 9.10
CA CYS A 5 1.35 4.08 10.36
C CYS A 5 2.31 3.95 11.52
N GLY A 6 3.31 3.08 11.36
CA GLY A 6 4.25 2.80 12.40
C GLY A 6 3.75 1.71 13.33
N LYS A 7 2.97 0.79 12.78
CA LYS A 7 2.30 -0.23 13.59
C LYS A 7 2.45 -1.61 12.97
N SER A 8 2.66 -2.60 13.81
CA SER A 8 2.86 -3.97 13.36
C SER A 8 1.56 -4.60 12.90
N VAL A 9 1.61 -5.26 11.75
CA VAL A 9 0.43 -5.90 11.17
C VAL A 9 0.74 -7.36 10.88
N TYR A 10 -0.26 -8.22 10.99
CA TYR A 10 -0.04 -9.63 10.71
C TYR A 10 -1.11 -10.19 9.78
N ALA A 11 -1.18 -11.52 9.72
CA ALA A 11 -1.91 -12.27 8.69
C ALA A 11 -3.32 -11.72 8.41
N ALA A 12 -4.02 -11.29 9.44
CA ALA A 12 -5.39 -10.79 9.29
C ALA A 12 -5.48 -9.67 8.25
N GLU A 13 -4.63 -8.67 8.39
CA GLU A 13 -4.69 -7.50 7.50
C GLU A 13 -3.44 -7.41 6.63
N LYS A 14 -2.59 -8.44 6.70
CA LYS A 14 -1.30 -8.44 6.02
C LYS A 14 -1.46 -8.31 4.51
N VAL A 15 -1.19 -7.10 4.02
CA VAL A 15 -0.99 -6.86 2.61
C VAL A 15 0.46 -6.45 2.39
N MET A 16 1.17 -7.20 1.56
CA MET A 16 2.62 -7.04 1.45
C MET A 16 3.01 -5.82 0.62
N GLY A 17 3.12 -4.68 1.30
CA GLY A 17 3.66 -3.49 0.65
C GLY A 17 5.15 -3.37 0.91
N GLY A 18 5.94 -3.41 -0.15
CA GLY A 18 7.39 -3.38 0.01
C GLY A 18 7.93 -4.60 0.73
N GLY A 19 7.14 -5.66 0.77
CA GLY A 19 7.55 -6.88 1.44
C GLY A 19 7.21 -6.87 2.92
N LYS A 20 6.38 -5.91 3.32
CA LYS A 20 5.98 -5.77 4.71
C LYS A 20 4.45 -5.77 4.80
N PRO A 21 3.87 -6.52 5.76
CA PRO A 21 2.45 -6.44 6.07
C PRO A 21 1.99 -5.03 6.44
N TRP A 22 1.32 -4.38 5.50
CA TRP A 22 0.69 -3.10 5.75
C TRP A 22 -0.74 -3.31 6.23
N HIS A 23 -1.47 -2.23 6.43
CA HIS A 23 -2.87 -2.30 6.79
C HIS A 23 -3.71 -2.13 5.55
N LYS A 24 -4.68 -3.00 5.31
CA LYS A 24 -5.56 -2.84 4.15
C LYS A 24 -6.41 -1.58 4.30
N THR A 25 -6.47 -1.08 5.53
CA THR A 25 -7.20 0.14 5.84
C THR A 25 -6.40 1.38 5.41
N CYS A 26 -5.07 1.31 5.53
CA CYS A 26 -4.21 2.42 5.17
C CYS A 26 -3.63 2.20 3.79
N PHE A 27 -3.84 0.99 3.28
CA PHE A 27 -3.35 0.58 1.97
C PHE A 27 -4.12 1.31 0.89
N ARG A 28 -3.97 2.61 0.89
CA ARG A 28 -4.67 3.49 0.01
C ARG A 28 -3.69 4.47 -0.57
N CYS A 29 -3.65 4.58 -1.87
CA CYS A 29 -2.71 5.49 -2.48
C CYS A 29 -3.28 6.89 -2.48
N ALA A 30 -2.40 7.85 -2.23
CA ALA A 30 -2.75 9.23 -2.05
C ALA A 30 -3.14 9.93 -3.34
N ILE A 31 -2.74 9.36 -4.47
CA ILE A 31 -3.00 9.98 -5.76
C ILE A 31 -4.50 10.01 -6.05
N CYS A 32 -5.21 9.00 -5.56
CA CYS A 32 -6.62 8.90 -5.82
C CYS A 32 -7.40 8.85 -4.50
N GLY A 33 -6.77 8.27 -3.47
CA GLY A 33 -7.42 8.06 -2.20
C GLY A 33 -8.10 6.71 -2.16
N LYS A 34 -7.56 5.76 -2.92
CA LYS A 34 -8.26 4.48 -3.14
C LYS A 34 -7.71 3.36 -2.28
N SER A 35 -8.61 2.58 -1.70
CA SER A 35 -8.26 1.40 -0.95
C SER A 35 -7.82 0.28 -1.89
N LEU A 36 -6.60 -0.18 -1.71
CA LEU A 36 -6.04 -1.23 -2.55
C LEU A 36 -6.31 -2.60 -1.98
N GLU A 37 -7.21 -3.33 -2.62
CA GLU A 37 -7.50 -4.71 -2.23
C GLU A 37 -6.49 -5.64 -2.91
N SER A 38 -5.22 -5.38 -2.63
CA SER A 38 -4.08 -6.09 -3.23
C SER A 38 -4.19 -6.13 -4.77
N THR A 39 -3.49 -7.07 -5.39
CA THR A 39 -3.53 -7.26 -6.84
C THR A 39 -2.78 -6.17 -7.60
N ASN A 40 -3.32 -4.97 -7.64
CA ASN A 40 -2.73 -3.89 -8.43
C ASN A 40 -1.91 -2.94 -7.56
N VAL A 41 -0.82 -3.45 -7.00
CA VAL A 41 0.01 -2.70 -6.07
C VAL A 41 1.35 -2.31 -6.70
N THR A 42 1.80 -1.10 -6.42
CA THR A 42 3.11 -0.65 -6.90
C THR A 42 3.77 0.27 -5.86
N ASP A 43 5.07 0.08 -5.65
CA ASP A 43 5.80 0.85 -4.64
C ASP A 43 6.46 2.07 -5.28
N LYS A 44 6.51 3.17 -4.54
CA LYS A 44 7.26 4.34 -4.94
C LYS A 44 8.20 4.74 -3.80
N ASP A 45 9.38 4.12 -3.79
CA ASP A 45 10.37 4.27 -2.72
C ASP A 45 9.80 3.85 -1.37
N GLY A 46 9.10 4.76 -0.71
CA GLY A 46 8.54 4.48 0.60
C GLY A 46 7.06 4.82 0.66
N GLU A 47 6.49 5.16 -0.47
CA GLU A 47 5.07 5.48 -0.54
C GLU A 47 4.35 4.42 -1.36
N LEU A 48 3.09 4.19 -1.02
CA LEU A 48 2.30 3.15 -1.66
C LEU A 48 1.33 3.78 -2.66
N TYR A 49 1.35 3.29 -3.89
CA TYR A 49 0.44 3.77 -4.93
C TYR A 49 -0.19 2.61 -5.71
N CYS A 50 -1.34 2.86 -6.32
CA CYS A 50 -1.99 1.85 -7.15
C CYS A 50 -1.22 1.64 -8.44
N LYS A 51 -1.39 0.47 -9.04
CA LYS A 51 -0.80 0.20 -10.35
C LYS A 51 -1.21 1.29 -11.34
N VAL A 52 -2.50 1.61 -11.34
CA VAL A 52 -3.06 2.61 -12.24
C VAL A 52 -2.44 3.96 -12.00
N CYS A 53 -2.38 4.37 -10.75
CA CYS A 53 -1.89 5.69 -10.38
C CYS A 53 -0.39 5.81 -10.60
N TYR A 54 0.35 4.72 -10.41
CA TYR A 54 1.78 4.73 -10.67
C TYR A 54 2.03 4.86 -12.17
N ALA A 55 1.25 4.14 -12.97
CA ALA A 55 1.34 4.23 -14.42
C ALA A 55 0.82 5.58 -14.89
N LYS A 56 -0.03 6.17 -14.07
CA LYS A 56 -0.61 7.48 -14.35
C LYS A 56 0.46 8.57 -14.30
N ASN A 57 1.31 8.54 -13.27
CA ASN A 57 2.35 9.56 -13.13
C ASN A 57 3.68 9.11 -13.73
N PHE A 58 4.00 7.82 -13.58
CA PHE A 58 5.26 7.22 -14.08
C PHE A 58 6.44 8.18 -13.95
ZN ZN B . -4.39 5.30 -6.43
ZN ZN C . -0.71 1.10 8.07
N LYS A 1 5.57 -4.01 9.72
CA LYS A 1 4.66 -2.96 10.14
C LYS A 1 4.40 -1.93 9.05
N CYS A 2 3.24 -1.30 9.15
CA CYS A 2 2.85 -0.20 8.29
C CYS A 2 3.55 1.07 8.75
N PRO A 3 4.55 1.55 7.99
CA PRO A 3 5.32 2.75 8.34
C PRO A 3 4.49 4.03 8.23
N ARG A 4 3.26 3.88 7.73
CA ARG A 4 2.35 5.02 7.64
C ARG A 4 1.80 5.32 9.02
N CYS A 5 1.68 4.28 9.82
CA CYS A 5 1.23 4.40 11.19
C CYS A 5 2.36 4.12 12.17
N GLY A 6 3.33 3.33 11.72
CA GLY A 6 4.37 2.84 12.60
C GLY A 6 3.86 1.68 13.43
N LYS A 7 2.78 1.08 12.94
CA LYS A 7 2.06 0.05 13.67
C LYS A 7 2.19 -1.28 12.96
N SER A 8 2.45 -2.33 13.72
CA SER A 8 2.72 -3.65 13.17
C SER A 8 1.43 -4.36 12.77
N VAL A 9 1.47 -5.04 11.64
CA VAL A 9 0.33 -5.79 11.13
C VAL A 9 0.75 -7.24 10.90
N TYR A 10 -0.19 -8.16 11.05
CA TYR A 10 0.09 -9.56 10.79
C TYR A 10 -0.99 -10.17 9.91
N ALA A 11 -1.05 -11.51 9.85
CA ALA A 11 -1.90 -12.24 8.89
C ALA A 11 -3.35 -11.75 8.86
N ALA A 12 -3.87 -11.31 9.99
CA ALA A 12 -5.26 -10.88 10.09
C ALA A 12 -5.61 -9.80 9.08
N GLU A 13 -4.63 -8.96 8.72
CA GLU A 13 -4.87 -7.88 7.77
C GLU A 13 -3.66 -7.69 6.86
N LYS A 14 -2.85 -8.72 6.76
CA LYS A 14 -1.59 -8.67 6.00
C LYS A 14 -1.83 -8.43 4.51
N VAL A 15 -1.43 -7.25 4.05
CA VAL A 15 -1.32 -6.94 2.64
C VAL A 15 0.13 -6.56 2.34
N MET A 16 0.75 -7.30 1.43
CA MET A 16 2.19 -7.21 1.23
C MET A 16 2.62 -5.97 0.47
N GLY A 17 2.88 -4.88 1.18
CA GLY A 17 3.56 -3.75 0.58
C GLY A 17 5.05 -3.99 0.51
N GLY A 18 5.52 -4.48 -0.63
CA GLY A 18 6.92 -4.79 -0.80
C GLY A 18 7.31 -6.08 -0.12
N GLY A 19 7.41 -6.02 1.20
CA GLY A 19 7.70 -7.19 2.00
C GLY A 19 7.15 -7.06 3.40
N LYS A 20 6.14 -6.20 3.54
CA LYS A 20 5.55 -5.92 4.83
C LYS A 20 4.05 -6.13 4.81
N PRO A 21 3.51 -6.83 5.82
CA PRO A 21 2.08 -6.78 6.13
C PRO A 21 1.65 -5.37 6.52
N TRP A 22 1.06 -4.65 5.57
CA TRP A 22 0.56 -3.32 5.82
C TRP A 22 -0.88 -3.38 6.32
N HIS A 23 -1.41 -2.25 6.76
CA HIS A 23 -2.83 -2.16 7.10
C HIS A 23 -3.65 -2.13 5.83
N LYS A 24 -4.78 -2.81 5.85
CA LYS A 24 -5.69 -2.84 4.71
C LYS A 24 -6.16 -1.43 4.35
N THR A 25 -6.16 -0.55 5.35
CA THR A 25 -6.58 0.83 5.16
C THR A 25 -5.50 1.65 4.47
N CYS A 26 -4.30 1.61 5.01
CA CYS A 26 -3.20 2.45 4.55
C CYS A 26 -2.41 1.81 3.43
N PHE A 27 -2.79 0.59 3.07
CA PHE A 27 -2.28 -0.03 1.86
C PHE A 27 -2.96 0.65 0.68
N ARG A 28 -2.66 1.92 0.55
CA ARG A 28 -3.39 2.81 -0.33
C ARG A 28 -2.45 3.84 -0.93
N CYS A 29 -2.90 4.49 -1.97
CA CYS A 29 -2.15 5.58 -2.55
C CYS A 29 -2.79 6.90 -2.12
N ALA A 30 -1.95 7.90 -1.94
CA ALA A 30 -2.39 9.24 -1.57
C ALA A 30 -2.98 9.99 -2.77
N ILE A 31 -2.88 9.39 -3.96
CA ILE A 31 -3.31 10.07 -5.18
C ILE A 31 -4.82 9.90 -5.38
N CYS A 32 -5.29 8.66 -5.34
CA CYS A 32 -6.71 8.41 -5.52
C CYS A 32 -7.37 8.40 -4.15
N GLY A 33 -6.51 8.38 -3.13
CA GLY A 33 -6.96 8.26 -1.76
C GLY A 33 -7.68 6.94 -1.57
N LYS A 34 -7.14 5.90 -2.19
CA LYS A 34 -7.85 4.65 -2.29
C LYS A 34 -7.04 3.47 -1.77
N SER A 35 -7.69 2.63 -0.97
CA SER A 35 -7.07 1.42 -0.46
C SER A 35 -6.96 0.38 -1.57
N LEU A 36 -5.88 -0.39 -1.55
CA LEU A 36 -5.56 -1.29 -2.64
C LEU A 36 -5.73 -2.75 -2.22
N GLU A 37 -6.11 -3.58 -3.18
CA GLU A 37 -6.17 -5.02 -2.96
C GLU A 37 -4.83 -5.63 -3.38
N SER A 38 -4.64 -6.89 -3.00
CA SER A 38 -3.39 -7.59 -3.28
C SER A 38 -3.28 -7.98 -4.77
N THR A 39 -3.26 -6.96 -5.61
CA THR A 39 -3.17 -7.15 -7.06
C THR A 39 -3.06 -5.79 -7.76
N ASN A 40 -3.39 -4.72 -7.05
CA ASN A 40 -3.37 -3.39 -7.62
C ASN A 40 -2.52 -2.47 -6.75
N VAL A 41 -1.20 -2.69 -6.78
CA VAL A 41 -0.30 -1.91 -5.94
C VAL A 41 1.11 -1.90 -6.51
N THR A 42 1.76 -0.75 -6.44
CA THR A 42 3.16 -0.64 -6.79
C THR A 42 3.87 0.28 -5.79
N ASP A 43 5.05 -0.14 -5.34
CA ASP A 43 5.80 0.60 -4.33
C ASP A 43 6.85 1.49 -4.99
N LYS A 44 6.87 2.76 -4.60
CA LYS A 44 7.88 3.68 -5.08
C LYS A 44 8.41 4.52 -3.93
N ASP A 45 9.63 4.20 -3.50
CA ASP A 45 10.32 4.96 -2.44
C ASP A 45 9.59 4.83 -1.11
N GLY A 46 8.83 3.76 -0.95
CA GLY A 46 8.08 3.57 0.27
C GLY A 46 6.65 4.06 0.14
N GLU A 47 6.37 4.75 -0.96
CA GLU A 47 5.03 5.25 -1.23
C GLU A 47 4.26 4.26 -2.09
N LEU A 48 3.02 4.01 -1.70
CA LEU A 48 2.18 3.07 -2.42
C LEU A 48 1.32 3.81 -3.42
N TYR A 49 1.21 3.26 -4.61
CA TYR A 49 0.34 3.80 -5.64
C TYR A 49 -0.41 2.66 -6.30
N CYS A 50 -1.62 2.93 -6.78
CA CYS A 50 -2.35 1.96 -7.55
C CYS A 50 -1.63 1.73 -8.88
N LYS A 51 -1.92 0.61 -9.52
CA LYS A 51 -1.25 0.29 -10.78
C LYS A 51 -1.61 1.33 -11.84
N VAL A 52 -2.78 1.95 -11.71
CA VAL A 52 -3.27 2.89 -12.70
C VAL A 52 -2.63 4.27 -12.53
N CYS A 53 -2.65 4.82 -11.30
CA CYS A 53 -2.16 6.18 -11.08
C CYS A 53 -0.64 6.23 -11.20
N TYR A 54 0.01 5.16 -10.78
CA TYR A 54 1.46 5.06 -10.92
C TYR A 54 1.87 5.02 -12.38
N ALA A 55 1.12 4.28 -13.19
CA ALA A 55 1.41 4.19 -14.62
C ALA A 55 1.05 5.48 -15.32
N LYS A 56 0.06 6.17 -14.79
CA LYS A 56 -0.43 7.42 -15.38
C LYS A 56 0.52 8.58 -15.10
N ASN A 57 0.82 8.80 -13.83
CA ASN A 57 1.61 9.96 -13.43
C ASN A 57 3.09 9.64 -13.32
N PHE A 58 3.41 8.39 -12.94
CA PHE A 58 4.80 7.96 -12.70
C PHE A 58 5.61 9.02 -11.97
ZN ZN B . -3.98 5.59 -6.82
ZN ZN C . -1.41 1.80 8.82
N LYS A 1 5.95 -4.13 10.28
CA LYS A 1 5.47 -2.81 10.66
C LYS A 1 5.02 -2.02 9.43
N CYS A 2 3.91 -1.30 9.56
CA CYS A 2 3.45 -0.42 8.51
C CYS A 2 4.21 0.89 8.54
N PRO A 3 4.94 1.20 7.47
CA PRO A 3 5.67 2.45 7.34
C PRO A 3 4.78 3.58 6.82
N ARG A 4 3.48 3.31 6.71
CA ARG A 4 2.54 4.31 6.24
C ARG A 4 1.85 5.00 7.41
N CYS A 5 1.54 4.22 8.44
CA CYS A 5 0.86 4.77 9.61
C CYS A 5 1.77 4.75 10.84
N GLY A 6 2.90 4.06 10.73
CA GLY A 6 3.79 3.90 11.87
C GLY A 6 3.18 2.98 12.90
N LYS A 7 2.65 1.86 12.43
CA LYS A 7 1.86 0.97 13.28
C LYS A 7 2.30 -0.48 13.06
N SER A 8 2.10 -1.32 14.06
CA SER A 8 2.44 -2.73 13.96
C SER A 8 1.42 -3.46 13.10
N VAL A 9 1.88 -4.46 12.34
CA VAL A 9 0.99 -5.26 11.49
C VAL A 9 1.34 -6.73 11.62
N TYR A 10 0.33 -7.58 11.67
CA TYR A 10 0.55 -9.01 11.62
C TYR A 10 -0.40 -9.67 10.61
N ALA A 11 -0.30 -11.00 10.49
CA ALA A 11 -0.91 -11.77 9.40
C ALA A 11 -2.39 -11.46 9.18
N ALA A 12 -3.12 -11.14 10.25
CA ALA A 12 -4.56 -10.90 10.19
C ALA A 12 -4.92 -9.83 9.17
N GLU A 13 -4.01 -8.88 8.92
CA GLU A 13 -4.27 -7.85 7.94
C GLU A 13 -3.01 -7.55 7.13
N LYS A 14 -2.05 -8.45 7.21
CA LYS A 14 -0.77 -8.28 6.50
C LYS A 14 -0.96 -8.38 4.98
N VAL A 15 -1.16 -7.23 4.36
CA VAL A 15 -1.11 -7.12 2.91
C VAL A 15 0.31 -6.80 2.49
N MET A 16 0.85 -7.59 1.59
CA MET A 16 2.27 -7.53 1.27
C MET A 16 2.61 -6.34 0.39
N GLY A 17 2.82 -5.18 1.01
CA GLY A 17 3.37 -4.06 0.28
C GLY A 17 4.87 -4.23 0.10
N GLY A 18 5.26 -4.97 -0.92
CA GLY A 18 6.67 -5.21 -1.19
C GLY A 18 7.31 -6.10 -0.15
N GLY A 19 6.55 -7.08 0.32
CA GLY A 19 7.05 -7.99 1.33
C GLY A 19 6.81 -7.47 2.74
N LYS A 20 6.44 -6.21 2.84
CA LYS A 20 6.17 -5.59 4.13
C LYS A 20 4.68 -5.63 4.43
N PRO A 21 4.30 -6.11 5.62
CA PRO A 21 2.91 -6.06 6.07
C PRO A 21 2.38 -4.64 6.19
N TRP A 22 1.42 -4.32 5.35
CA TRP A 22 0.74 -3.05 5.42
C TRP A 22 -0.66 -3.28 5.96
N HIS A 23 -1.44 -2.21 6.08
CA HIS A 23 -2.80 -2.34 6.59
C HIS A 23 -3.78 -2.38 5.43
N LYS A 24 -4.88 -3.10 5.61
CA LYS A 24 -5.92 -3.14 4.59
C LYS A 24 -6.71 -1.84 4.63
N THR A 25 -6.61 -1.15 5.76
CA THR A 25 -7.24 0.16 5.93
C THR A 25 -6.42 1.25 5.23
N CYS A 26 -5.11 1.05 5.13
CA CYS A 26 -4.24 2.03 4.50
C CYS A 26 -3.67 1.50 3.20
N PHE A 27 -4.17 0.36 2.76
CA PHE A 27 -3.79 -0.18 1.47
C PHE A 27 -4.43 0.68 0.40
N ARG A 28 -3.92 1.89 0.31
CA ARG A 28 -4.49 2.93 -0.50
C ARG A 28 -3.41 3.96 -0.81
N CYS A 29 -3.35 4.39 -2.04
CA CYS A 29 -2.35 5.37 -2.41
C CYS A 29 -2.88 6.76 -2.11
N ALA A 30 -1.98 7.60 -1.61
CA ALA A 30 -2.31 8.97 -1.21
C ALA A 30 -2.49 9.90 -2.41
N ILE A 31 -2.25 9.38 -3.61
CA ILE A 31 -2.42 10.17 -4.83
C ILE A 31 -3.90 10.38 -5.09
N CYS A 32 -4.70 9.36 -4.81
CA CYS A 32 -6.13 9.45 -5.02
C CYS A 32 -6.85 9.30 -3.68
N GLY A 33 -6.16 8.68 -2.74
CA GLY A 33 -6.72 8.41 -1.43
C GLY A 33 -7.59 7.17 -1.48
N LYS A 34 -7.34 6.32 -2.46
CA LYS A 34 -8.22 5.19 -2.74
C LYS A 34 -7.57 3.85 -2.41
N SER A 35 -8.36 2.95 -1.86
CA SER A 35 -7.92 1.62 -1.47
C SER A 35 -7.52 0.78 -2.68
N LEU A 36 -6.78 -0.29 -2.41
CA LEU A 36 -6.22 -1.12 -3.46
C LEU A 36 -6.56 -2.59 -3.30
N GLU A 37 -6.21 -3.34 -4.33
CA GLU A 37 -6.34 -4.78 -4.32
C GLU A 37 -5.00 -5.37 -4.74
N SER A 38 -4.61 -6.49 -4.14
CA SER A 38 -3.25 -7.01 -4.24
C SER A 38 -2.72 -7.09 -5.69
N THR A 39 -3.61 -7.40 -6.63
CA THR A 39 -3.22 -7.54 -8.03
C THR A 39 -2.57 -6.26 -8.59
N ASN A 40 -3.07 -5.10 -8.18
CA ASN A 40 -2.64 -3.85 -8.79
C ASN A 40 -2.01 -2.90 -7.78
N VAL A 41 -1.17 -3.44 -6.90
CA VAL A 41 -0.42 -2.61 -5.96
C VAL A 41 0.98 -2.35 -6.51
N THR A 42 1.52 -1.15 -6.26
CA THR A 42 2.87 -0.82 -6.70
C THR A 42 3.66 -0.16 -5.58
N ASP A 43 4.89 -0.63 -5.39
CA ASP A 43 5.77 -0.11 -4.34
C ASP A 43 6.63 1.01 -4.88
N LYS A 44 6.72 2.11 -4.12
CA LYS A 44 7.67 3.17 -4.45
C LYS A 44 8.26 3.80 -3.20
N ASP A 45 9.31 3.15 -2.69
CA ASP A 45 10.20 3.70 -1.66
C ASP A 45 9.46 4.29 -0.46
N GLY A 46 8.47 3.57 0.05
CA GLY A 46 7.78 4.02 1.25
C GLY A 46 6.30 4.22 1.04
N GLU A 47 5.91 4.48 -0.20
CA GLU A 47 4.51 4.65 -0.53
C GLU A 47 4.01 3.44 -1.32
N LEU A 48 2.74 3.13 -1.14
CA LEU A 48 2.07 2.10 -1.90
C LEU A 48 1.07 2.76 -2.83
N TYR A 49 1.33 2.73 -4.12
CA TYR A 49 0.48 3.41 -5.09
C TYR A 49 -0.35 2.40 -5.86
N CYS A 50 -1.46 2.88 -6.40
CA CYS A 50 -2.28 2.09 -7.30
C CYS A 50 -1.57 1.92 -8.63
N LYS A 51 -1.75 0.79 -9.29
CA LYS A 51 -1.15 0.57 -10.61
C LYS A 51 -1.61 1.67 -11.57
N VAL A 52 -2.84 2.12 -11.38
CA VAL A 52 -3.41 3.19 -12.21
C VAL A 52 -2.71 4.51 -11.94
N CYS A 53 -2.57 4.85 -10.66
CA CYS A 53 -1.91 6.08 -10.25
C CYS A 53 -0.39 6.00 -10.54
N TYR A 54 0.16 4.80 -10.49
CA TYR A 54 1.55 4.58 -10.85
C TYR A 54 1.80 4.95 -12.30
N ALA A 55 0.90 4.53 -13.18
CA ALA A 55 1.00 4.88 -14.60
C ALA A 55 0.62 6.34 -14.81
N LYS A 56 -0.20 6.84 -13.89
CA LYS A 56 -0.71 8.20 -13.92
C LYS A 56 0.40 9.22 -13.67
N ASN A 57 1.03 9.13 -12.49
CA ASN A 57 2.05 10.11 -12.10
C ASN A 57 3.45 9.63 -12.46
N PHE A 58 3.61 8.29 -12.42
CA PHE A 58 4.87 7.59 -12.77
C PHE A 58 6.13 8.23 -12.19
ZN ZN B . -4.26 5.81 -6.18
ZN ZN C . -0.96 1.41 7.76
#